data_9IA0
#
_entry.id   9IA0
#
_cell.length_a   1.00
_cell.length_b   1.00
_cell.length_c   1.00
_cell.angle_alpha   90.00
_cell.angle_beta   90.00
_cell.angle_gamma   90.00
#
_symmetry.space_group_name_H-M   'P 1'
#
loop_
_entity.id
_entity.type
_entity.pdbx_description
1 polymer 'LPS-assembly protein LptD'
2 polymer 'LPS-assembly lipoprotein LptE'
#
loop_
_entity_poly.entity_id
_entity_poly.type
_entity_poly.pdbx_seq_one_letter_code
_entity_poly.pdbx_strand_id
1 'polypeptide(L)'
;MKKRIPTLLATMIATALYSQQGLAADLASQCMLGVPSYDRPLVQGDTNDLPVTINADHAKGDYPDDAVFTGSVDIMQGNS
RLQADEVQLHQKEAPGQPEPVRTVDALGNVHYDDNQVILKGPKGWANLNTKDTNVWEGDYQMVGRQGRGKADLMKQRGEN
RYTILDNGSFTSCLPGSDTWSVVGSEIIHDREEQVAEIWNARFKVGPVPIFYSPYLQLPVGDKRRSGFLIPNAKYTTTNY
FEFYLPYYWNIAPNMDATITPHYMHRRGNIMWENEFRYLSQAGAGLMELDYLPSDKVYEDEHPNDDSSRRWLFYWNHSGV
MDQVWRFNVDYTKVSDPSYFNDFDNKYGSSTDGYATQKFSVGYAVQNFNATVSTKQFQVFSEQNTSSYSAEPQLDVNYYQ
NDVGPFDTRIYGQAVHFVNTRDDMPEATRVHLEPTINLPLSNNWGSINTEAKLLATHYQQTNLDWYNSRNTTKLDESVNR
VMPQFKVDGKMVFERDMEMLAPGYTQTLEPRAQYLYVPYRDQSDIYNYDSSLLQSDYSGLFRDRTYGGLDRIASANQVTT
GVTSRIYDDAAVERFNISVGQIYYFTESRTGDDNITWENDDKTGSLVWAGDTYWRISERWGLRGGIQYDTRLDNVATSNS
SIEYRRDEDRLVQLNYRYASPEYIQATLPKYYSTAEQYKNGISQVGAVASWPIADRWSIVGAYYYDTNANKQADSMLGVQ
YSSCCYAIRVGYERKLNGWDNDKQHAVYDNAIGFNIELRGLSSNYGLGTQEMLRSNILPYQNTL
;
A
2 'polypeptide(L)'
;MRYLATLLLSLAVLITAGCGWHLRDTTQVPSTMKVMILDSGDPNGPLSRAVRNQLRLNGVELLDKETTRKDVPSLRLGKV
SIAKDTASVFRNGQTAEYQMIMTVNATVLIPGRDIYPISAKVFRSFFDNPQMALAKDNEQDMIVKEMYDRAAEQLIRKLP
SIRAADIRSDEEQTSTTTDTPATPARVSTTLGNHHHHHHHH
;
B
#
# COMPACT_ATOMS: atom_id res chain seq x y z
N ALA A 25 31.41 8.64 -3.75
CA ALA A 25 30.96 7.95 -2.52
C ALA A 25 29.57 8.44 -2.14
N ASP A 26 28.72 7.56 -1.60
CA ASP A 26 27.33 7.91 -1.29
C ASP A 26 27.20 9.07 -0.27
N LEU A 27 26.04 9.75 -0.29
CA LEU A 27 25.80 10.91 0.53
C LEU A 27 25.96 10.59 2.03
N ALA A 28 25.59 9.39 2.45
CA ALA A 28 25.83 8.93 3.82
C ALA A 28 27.32 8.97 4.16
N SER A 29 28.18 8.39 3.33
CA SER A 29 29.63 8.40 3.53
C SER A 29 30.24 9.81 3.48
N GLN A 30 29.66 10.74 2.72
CA GLN A 30 30.10 12.14 2.71
C GLN A 30 29.71 12.89 3.99
N CYS A 31 28.50 12.69 4.52
CA CYS A 31 28.06 13.33 5.76
C CYS A 31 28.72 12.72 7.00
N MET A 32 28.82 11.39 7.05
CA MET A 32 29.48 10.67 8.14
C MET A 32 30.98 10.97 8.26
N LEU A 33 31.60 11.60 7.25
CA LEU A 33 32.96 12.13 7.34
C LEU A 33 33.05 13.38 8.23
N GLY A 34 31.95 14.09 8.44
CA GLY A 34 31.84 15.22 9.39
C GLY A 34 31.26 14.83 10.76
N VAL A 35 30.43 13.80 10.83
CA VAL A 35 29.91 13.24 12.09
C VAL A 35 31.05 12.64 12.92
N PRO A 36 31.21 12.99 14.21
CA PRO A 36 32.31 12.47 15.00
C PRO A 36 32.09 11.00 15.35
N SER A 37 33.14 10.20 15.23
CA SER A 37 33.16 8.78 15.61
C SER A 37 33.48 8.60 17.09
N TYR A 38 32.94 7.55 17.68
CA TYR A 38 33.09 7.24 19.10
C TYR A 38 34.42 6.57 19.47
N ASP A 39 34.97 5.74 18.58
CA ASP A 39 35.96 4.69 18.86
C ASP A 39 37.23 5.15 19.60
N ARG A 40 37.16 5.14 20.94
CA ARG A 40 38.23 5.44 21.89
C ARG A 40 38.20 4.40 23.04
N PRO A 41 37.11 4.27 23.83
CA PRO A 41 36.79 3.07 24.59
C PRO A 41 36.12 1.99 23.71
N LEU A 42 35.95 0.78 24.26
CA LEU A 42 35.41 -0.39 23.56
C LEU A 42 33.86 -0.56 23.54
N VAL A 43 33.12 0.21 24.34
CA VAL A 43 31.67 0.06 24.66
C VAL A 43 31.27 -1.24 25.40
N GLN A 44 30.45 -1.09 26.44
CA GLN A 44 29.66 -2.17 27.06
C GLN A 44 28.51 -1.57 27.90
N VAL A 52 35.96 3.47 38.01
CA VAL A 52 36.54 4.72 37.51
C VAL A 52 38.06 4.56 37.38
N THR A 53 38.68 5.12 36.34
CA THR A 53 40.15 5.28 36.25
C THR A 53 40.51 6.73 36.00
N ILE A 54 41.61 7.19 36.61
CA ILE A 54 42.01 8.61 36.64
C ILE A 54 43.50 8.75 36.32
N ASN A 55 43.85 9.74 35.52
CA ASN A 55 45.23 10.13 35.22
C ASN A 55 45.35 11.66 35.28
N ALA A 56 46.41 12.20 35.89
CA ALA A 56 46.61 13.64 36.01
C ALA A 56 48.10 14.02 36.11
N ASP A 57 48.43 15.26 35.80
CA ASP A 57 49.77 15.82 36.01
C ASP A 57 50.13 15.86 37.51
N HIS A 58 49.18 16.23 38.39
CA HIS A 58 49.32 16.15 39.84
C HIS A 58 47.97 15.95 40.54
N ALA A 59 48.00 15.35 41.74
CA ALA A 59 46.83 15.10 42.58
C ALA A 59 47.13 15.39 44.06
N LYS A 60 46.21 16.04 44.77
CA LYS A 60 46.36 16.40 46.19
C LYS A 60 45.03 16.42 46.95
N GLY A 61 45.11 16.31 48.28
CA GLY A 61 43.97 16.02 49.15
C GLY A 61 43.64 14.53 49.19
N ASP A 62 43.21 14.01 50.34
CA ASP A 62 42.77 12.61 50.48
C ASP A 62 41.54 12.33 49.61
N TYR A 63 41.35 11.07 49.21
CA TYR A 63 40.31 10.65 48.27
C TYR A 63 38.85 11.04 48.64
N PRO A 64 38.36 10.84 49.89
CA PRO A 64 37.00 11.23 50.25
C PRO A 64 36.87 12.77 50.38
N ASP A 65 35.72 13.31 49.97
CA ASP A 65 35.46 14.74 49.84
C ASP A 65 36.42 15.48 48.87
N ASP A 66 37.36 16.28 49.40
CA ASP A 66 37.99 17.40 48.68
C ASP A 66 39.29 17.04 47.94
N ALA A 67 39.32 15.90 47.25
CA ALA A 67 40.41 15.55 46.33
C ALA A 67 40.44 16.51 45.13
N VAL A 68 41.62 17.00 44.74
CA VAL A 68 41.79 17.88 43.57
C VAL A 68 42.93 17.40 42.67
N PHE A 69 42.72 17.53 41.36
CA PHE A 69 43.66 17.20 40.31
C PHE A 69 44.02 18.49 39.55
N THR A 70 45.30 18.84 39.52
CA THR A 70 45.78 20.16 39.06
C THR A 70 46.81 20.01 37.96
N GLY A 71 46.72 20.81 36.90
CA GLY A 71 47.34 20.46 35.62
C GLY A 71 46.53 19.38 34.88
N SER A 72 46.85 19.14 33.61
CA SER A 72 46.00 18.35 32.70
C SER A 72 45.63 16.97 33.25
N VAL A 73 44.34 16.62 33.12
CA VAL A 73 43.70 15.44 33.72
C VAL A 73 42.71 14.81 32.75
N ASP A 74 42.70 13.47 32.71
CA ASP A 74 41.68 12.67 32.03
C ASP A 74 41.19 11.52 32.91
N ILE A 75 39.87 11.31 32.91
CA ILE A 75 39.16 10.39 33.80
C ILE A 75 38.12 9.61 32.98
N MET A 76 38.00 8.31 33.23
CA MET A 76 37.15 7.40 32.48
C MET A 76 36.25 6.56 33.37
N GLN A 77 35.08 6.20 32.86
CA GLN A 77 34.21 5.18 33.44
C GLN A 77 33.36 4.55 32.32
N GLY A 78 33.63 3.27 32.00
CA GLY A 78 32.88 2.51 31.00
C GLY A 78 32.75 3.23 29.65
N ASN A 79 31.55 3.76 29.38
CA ASN A 79 31.22 4.38 28.10
C ASN A 79 31.69 5.83 27.93
N SER A 80 32.21 6.51 28.95
CA SER A 80 32.53 7.94 28.85
C SER A 80 33.88 8.35 29.44
N ARG A 81 34.36 9.52 29.01
CA ARG A 81 35.57 10.19 29.47
C ARG A 81 35.27 11.67 29.72
N LEU A 82 35.89 12.24 30.75
CA LEU A 82 35.96 13.66 31.03
C LEU A 82 37.43 14.10 31.07
N GLN A 83 37.72 15.31 30.62
CA GLN A 83 39.06 15.85 30.47
C GLN A 83 39.08 17.35 30.78
N ALA A 84 40.14 17.85 31.45
CA ALA A 84 40.22 19.25 31.89
C ALA A 84 41.64 19.68 32.26
N ASP A 85 41.85 20.99 32.43
CA ASP A 85 43.07 21.55 33.03
C ASP A 85 43.06 21.48 34.57
N GLU A 86 41.88 21.37 35.19
CA GLU A 86 41.69 21.14 36.63
C GLU A 86 40.36 20.39 36.89
N VAL A 87 40.38 19.47 37.85
CA VAL A 87 39.18 18.81 38.40
C VAL A 87 39.24 18.92 39.93
N GLN A 88 38.13 19.29 40.55
CA GLN A 88 38.10 19.81 41.91
C GLN A 88 36.88 19.26 42.67
N LEU A 89 37.00 18.04 43.20
CA LEU A 89 35.88 17.25 43.71
C LEU A 89 35.35 17.77 45.06
N HIS A 90 34.13 17.37 45.40
CA HIS A 90 33.60 17.46 46.76
C HIS A 90 32.61 16.33 47.06
N GLN A 91 32.47 15.95 48.33
CA GLN A 91 31.48 14.99 48.83
C GLN A 91 30.98 15.43 50.22
N LYS A 92 29.66 15.45 50.48
CA LYS A 92 29.12 16.00 51.74
C LYS A 92 27.83 15.31 52.19
N ARG A 102 27.56 13.42 46.10
CA ARG A 102 28.84 13.36 45.38
C ARG A 102 28.84 14.36 44.22
N THR A 103 29.83 15.26 44.16
CA THR A 103 29.91 16.29 43.12
C THR A 103 31.31 16.42 42.51
N VAL A 104 31.36 16.52 41.18
CA VAL A 104 32.54 16.86 40.39
C VAL A 104 32.44 18.31 39.93
N ASP A 105 33.49 19.10 40.08
CA ASP A 105 33.64 20.41 39.42
C ASP A 105 34.90 20.38 38.53
N ALA A 106 34.86 21.08 37.39
CA ALA A 106 35.96 21.10 36.43
C ALA A 106 36.16 22.52 35.85
N LEU A 107 37.42 22.92 35.66
CA LEU A 107 37.80 24.27 35.21
C LEU A 107 38.90 24.22 34.13
N GLY A 108 38.74 25.01 33.07
CA GLY A 108 39.70 25.12 31.96
C GLY A 108 39.63 23.94 30.98
N ASN A 109 39.31 24.23 29.70
CA ASN A 109 39.23 23.25 28.62
C ASN A 109 38.39 21.99 28.93
N VAL A 110 37.31 22.13 29.72
CA VAL A 110 36.45 21.03 30.15
C VAL A 110 35.79 20.38 28.93
N HIS A 111 36.07 19.10 28.71
CA HIS A 111 35.70 18.38 27.49
C HIS A 111 35.26 16.97 27.88
N TYR A 112 34.06 16.58 27.48
CA TYR A 112 33.41 15.32 27.86
C TYR A 112 32.89 14.63 26.61
N ASP A 113 33.07 13.32 26.48
CA ASP A 113 32.46 12.60 25.37
C ASP A 113 32.13 11.14 25.69
N ASP A 114 31.12 10.64 24.98
CA ASP A 114 30.59 9.28 25.12
C ASP A 114 29.98 8.78 23.79
N ASN A 115 29.28 7.63 23.82
CA ASN A 115 28.67 7.03 22.64
C ASN A 115 27.47 7.80 22.04
N GLN A 116 27.04 8.93 22.62
CA GLN A 116 25.94 9.75 22.12
C GLN A 116 26.27 11.25 22.00
N VAL A 117 27.22 11.81 22.75
CA VAL A 117 27.49 13.26 22.74
C VAL A 117 28.97 13.64 23.03
N ILE A 118 29.37 14.82 22.57
CA ILE A 118 30.56 15.59 22.94
C ILE A 118 30.10 16.92 23.53
N LEU A 119 30.65 17.34 24.66
CA LEU A 119 30.41 18.65 25.29
C LEU A 119 31.74 19.34 25.58
N LYS A 120 31.87 20.63 25.28
CA LYS A 120 33.07 21.42 25.56
C LYS A 120 32.73 22.76 26.17
N GLY A 121 33.53 23.27 27.11
CA GLY A 121 33.35 24.61 27.68
C GLY A 121 34.37 25.00 28.75
N PRO A 122 34.39 26.26 29.20
CA PRO A 122 35.36 26.76 30.18
C PRO A 122 35.18 26.20 31.61
N LYS A 123 33.97 25.79 31.99
CA LYS A 123 33.61 25.36 33.34
C LYS A 123 32.54 24.28 33.28
N GLY A 124 32.51 23.36 34.24
CA GLY A 124 31.50 22.29 34.31
C GLY A 124 31.30 21.70 35.69
N TRP A 125 30.18 21.00 35.86
CA TRP A 125 29.75 20.37 37.12
C TRP A 125 28.95 19.09 36.86
N ALA A 126 29.02 18.10 37.74
CA ALA A 126 28.13 16.94 37.73
C ALA A 126 27.83 16.43 39.14
N ASN A 127 26.62 15.91 39.35
CA ASN A 127 26.23 15.15 40.54
C ASN A 127 26.28 13.66 40.20
N LEU A 128 27.15 12.91 40.88
CA LEU A 128 27.39 11.51 40.54
C LEU A 128 26.29 10.55 41.03
N ASN A 129 25.45 10.98 41.98
CA ASN A 129 24.32 10.18 42.48
C ASN A 129 23.09 10.30 41.56
N THR A 130 22.65 11.54 41.27
CA THR A 130 21.47 11.81 40.44
C THR A 130 21.75 11.75 38.93
N LYS A 131 23.02 11.70 38.54
CA LYS A 131 23.56 11.76 37.16
C LYS A 131 23.40 13.11 36.45
N ASP A 132 22.86 14.12 37.11
CA ASP A 132 22.75 15.49 36.57
C ASP A 132 24.11 16.06 36.17
N THR A 133 24.15 16.88 35.11
CA THR A 133 25.37 17.50 34.59
C THR A 133 25.09 18.92 34.09
N ASN A 134 26.05 19.83 34.26
CA ASN A 134 26.07 21.19 33.72
C ASN A 134 27.40 21.47 32.99
N VAL A 135 27.35 22.19 31.87
CA VAL A 135 28.52 22.83 31.25
C VAL A 135 28.17 24.26 30.87
N TRP A 136 29.01 25.24 31.22
CA TRP A 136 28.75 26.66 31.03
C TRP A 136 29.41 27.22 29.77
N GLU A 137 28.71 28.10 29.05
CA GLU A 137 29.16 28.78 27.82
C GLU A 137 29.60 27.86 26.69
N GLY A 138 29.21 26.59 26.75
CA GLY A 138 29.79 25.52 25.93
C GLY A 138 29.24 25.33 24.53
N ASP A 139 29.93 24.46 23.79
CA ASP A 139 29.50 23.91 22.50
C ASP A 139 29.33 22.39 22.60
N TYR A 140 28.39 21.84 21.83
CA TYR A 140 28.05 20.43 21.83
C TYR A 140 27.98 19.87 20.42
N GLN A 141 28.31 18.58 20.28
CA GLN A 141 28.11 17.81 19.06
C GLN A 141 27.51 16.47 19.44
N MET A 142 26.57 15.95 18.67
CA MET A 142 26.12 14.57 18.84
C MET A 142 27.14 13.60 18.24
N VAL A 143 27.18 12.37 18.74
CA VAL A 143 28.09 11.31 18.28
C VAL A 143 27.30 10.26 17.50
N GLY A 144 27.82 9.81 16.36
CA GLY A 144 27.17 8.83 15.49
C GLY A 144 25.93 9.33 14.72
N ARG A 145 25.51 10.58 14.92
CA ARG A 145 24.46 11.29 14.17
C ARG A 145 24.79 12.77 14.08
N GLN A 146 24.22 13.48 13.10
CA GLN A 146 24.36 14.93 13.00
C GLN A 146 23.62 15.66 14.13
N GLY A 147 24.14 16.81 14.52
CA GLY A 147 23.54 17.71 15.49
C GLY A 147 24.62 18.45 16.27
N ARG A 148 24.63 19.77 16.23
CA ARG A 148 25.60 20.60 16.97
C ARG A 148 25.05 21.98 17.30
N GLY A 149 25.67 22.67 18.24
CA GLY A 149 25.32 24.03 18.59
C GLY A 149 26.09 24.59 19.79
N LYS A 150 25.54 25.64 20.37
CA LYS A 150 26.03 26.36 21.56
C LYS A 150 24.89 26.56 22.55
N ALA A 151 25.22 26.83 23.81
CA ALA A 151 24.29 27.37 24.79
C ALA A 151 25.05 28.21 25.82
N ASP A 152 24.38 29.14 26.50
CA ASP A 152 24.98 29.79 27.67
C ASP A 152 25.13 28.80 28.83
N LEU A 153 24.28 27.78 28.89
CA LEU A 153 24.33 26.68 29.84
C LEU A 153 23.70 25.43 29.22
N MET A 154 24.46 24.34 29.18
CA MET A 154 24.05 23.04 28.66
C MET A 154 23.83 22.10 29.86
N LYS A 155 22.71 21.39 29.88
CA LYS A 155 22.29 20.54 31.01
C LYS A 155 21.94 19.13 30.55
N GLN A 156 22.24 18.14 31.38
CA GLN A 156 21.62 16.81 31.35
C GLN A 156 20.73 16.67 32.60
N ARG A 157 19.49 16.19 32.44
CA ARG A 157 18.46 16.12 33.49
C ARG A 157 17.54 14.91 33.34
N GLY A 158 16.85 14.54 34.42
CA GLY A 158 15.84 13.48 34.45
C GLY A 158 16.40 12.12 34.07
N GLU A 159 17.27 11.55 34.90
CA GLU A 159 18.08 10.34 34.62
C GLU A 159 18.77 10.38 33.24
N ASN A 160 19.11 11.58 32.79
CA ASN A 160 19.70 11.91 31.49
C ASN A 160 18.86 11.50 30.27
N ARG A 161 17.54 11.32 30.44
CA ARG A 161 16.56 11.29 29.33
C ARG A 161 16.48 12.64 28.61
N TYR A 162 16.54 13.74 29.36
CA TYR A 162 16.43 15.10 28.82
C TYR A 162 17.81 15.75 28.71
N THR A 163 18.05 16.46 27.61
CA THR A 163 19.03 17.53 27.57
C THR A 163 18.32 18.86 27.39
N ILE A 164 18.80 19.89 28.09
CA ILE A 164 18.18 21.21 28.14
C ILE A 164 19.24 22.30 28.01
N LEU A 165 18.99 23.30 27.16
CA LEU A 165 19.92 24.34 26.76
C LEU A 165 19.32 25.72 27.05
N ASP A 166 20.03 26.56 27.78
CA ASP A 166 19.65 27.97 27.98
C ASP A 166 20.31 28.84 26.91
N ASN A 167 19.55 29.73 26.27
CA ASN A 167 19.99 30.55 25.14
C ASN A 167 20.61 29.72 23.99
N GLY A 168 20.05 28.53 23.75
CA GLY A 168 20.65 27.50 22.89
C GLY A 168 20.51 27.73 21.39
N SER A 169 21.35 27.05 20.61
CA SER A 169 21.21 26.86 19.17
C SER A 169 21.29 25.39 18.77
N PHE A 170 20.69 25.04 17.63
CA PHE A 170 20.79 23.73 17.01
C PHE A 170 20.96 23.86 15.50
N THR A 171 21.82 23.02 14.94
CA THR A 171 21.88 22.76 13.51
C THR A 171 22.29 21.33 13.24
N SER A 172 21.84 20.82 12.10
CA SER A 172 22.25 19.55 11.56
C SER A 172 23.43 19.69 10.57
N CYS A 173 23.79 20.91 10.18
CA CYS A 173 24.89 21.14 9.24
C CYS A 173 26.26 20.83 9.86
N LEU A 174 27.15 20.28 9.05
CA LEU A 174 28.47 19.79 9.45
C LEU A 174 29.41 20.92 9.92
N PRO A 175 30.45 20.61 10.73
CA PRO A 175 31.41 21.60 11.20
C PRO A 175 31.95 22.49 10.08
N GLY A 176 32.02 23.80 10.34
CA GLY A 176 32.38 24.82 9.35
C GLY A 176 31.26 25.24 8.38
N SER A 177 30.14 24.51 8.33
CA SER A 177 28.96 24.86 7.54
C SER A 177 27.79 25.29 8.44
N ASP A 178 27.22 26.45 8.14
CA ASP A 178 26.19 27.11 8.94
C ASP A 178 25.01 27.59 8.09
N THR A 179 24.64 26.85 7.03
CA THR A 179 23.62 27.27 6.07
C THR A 179 22.23 27.44 6.67
N TRP A 180 21.90 26.76 7.77
CA TRP A 180 20.75 27.09 8.61
C TRP A 180 21.02 26.74 10.07
N SER A 181 20.34 27.42 10.98
CA SER A 181 20.31 27.09 12.40
C SER A 181 19.02 27.59 13.05
N VAL A 182 18.59 26.91 14.11
CA VAL A 182 17.46 27.34 14.95
C VAL A 182 18.01 27.78 16.30
N VAL A 183 17.58 28.95 16.78
CA VAL A 183 18.05 29.57 18.02
C VAL A 183 16.86 29.82 18.93
N GLY A 184 17.00 29.51 20.22
CA GLY A 184 15.94 29.62 21.21
C GLY A 184 16.38 30.28 22.51
N SER A 185 15.42 30.79 23.28
CA SER A 185 15.65 31.18 24.68
C SER A 185 15.87 29.96 25.57
N GLU A 186 15.21 28.86 25.24
CA GLU A 186 15.37 27.55 25.84
C GLU A 186 15.15 26.50 24.76
N ILE A 187 15.92 25.42 24.79
CA ILE A 187 15.71 24.23 23.96
C ILE A 187 15.73 23.01 24.88
N ILE A 188 14.79 22.10 24.71
CA ILE A 188 14.78 20.79 25.35
C ILE A 188 14.83 19.73 24.25
N HIS A 189 15.50 18.62 24.50
CA HIS A 189 15.39 17.42 23.69
C HIS A 189 15.16 16.21 24.59
N ASP A 190 14.24 15.33 24.18
CA ASP A 190 13.94 14.07 24.84
C ASP A 190 14.51 12.91 24.01
N ARG A 191 15.43 12.14 24.61
CA ARG A 191 16.08 11.01 23.95
C ARG A 191 15.15 9.82 23.70
N GLU A 192 14.09 9.66 24.50
CA GLU A 192 13.19 8.51 24.38
C GLU A 192 12.11 8.76 23.30
N GLU A 193 11.51 9.95 23.32
CA GLU A 193 10.46 10.33 22.35
C GLU A 193 10.98 11.07 21.11
N GLN A 194 12.31 11.25 21.01
CA GLN A 194 13.03 11.66 19.79
C GLN A 194 12.55 12.99 19.19
N VAL A 195 12.32 13.97 20.05
CA VAL A 195 11.80 15.29 19.69
C VAL A 195 12.60 16.39 20.39
N ALA A 196 12.95 17.43 19.64
CA ALA A 196 13.48 18.69 20.15
C ALA A 196 12.38 19.75 20.18
N GLU A 197 12.42 20.62 21.18
CA GLU A 197 11.31 21.46 21.56
C GLU A 197 11.86 22.79 22.09
N ILE A 198 11.39 23.91 21.54
CA ILE A 198 12.14 25.17 21.60
C ILE A 198 11.22 26.38 21.81
N TRP A 199 11.60 27.27 22.72
CA TRP A 199 10.84 28.44 23.14
C TRP A 199 11.52 29.73 22.70
N ASN A 200 10.72 30.67 22.18
CA ASN A 200 11.18 31.87 21.48
C ASN A 200 12.13 31.51 20.33
N ALA A 201 11.64 30.65 19.44
CA ALA A 201 12.38 30.15 18.30
C ALA A 201 12.58 31.22 17.23
N ARG A 202 13.82 31.38 16.77
CA ARG A 202 14.21 32.03 15.52
C ARG A 202 14.80 31.00 14.59
N PHE A 203 14.39 30.99 13.33
CA PHE A 203 15.04 30.21 12.28
C PHE A 203 15.90 31.14 11.43
N LYS A 204 17.20 30.84 11.33
CA LYS A 204 18.15 31.56 10.49
C LYS A 204 18.52 30.74 9.26
N VAL A 205 18.56 31.39 8.10
CA VAL A 205 19.23 30.88 6.90
C VAL A 205 20.48 31.72 6.70
N GLY A 206 21.65 31.09 6.67
CA GLY A 206 22.90 31.79 6.93
C GLY A 206 22.85 32.53 8.28
N PRO A 207 23.40 33.75 8.37
CA PRO A 207 23.33 34.56 9.60
C PRO A 207 22.00 35.31 9.80
N VAL A 208 21.03 35.23 8.88
CA VAL A 208 19.84 36.11 8.86
C VAL A 208 18.57 35.37 9.33
N PRO A 209 17.83 35.89 10.32
CA PRO A 209 16.57 35.29 10.78
C PRO A 209 15.41 35.56 9.81
N ILE A 210 14.67 34.52 9.42
CA ILE A 210 13.55 34.62 8.45
C ILE A 210 12.20 34.23 9.02
N PHE A 211 12.16 33.76 10.27
CA PHE A 211 10.96 33.33 10.98
C PHE A 211 11.13 33.52 12.49
N TYR A 212 10.04 33.78 13.22
CA TYR A 212 9.95 33.62 14.67
C TYR A 212 8.68 32.85 15.05
N SER A 213 8.78 32.01 16.07
CA SER A 213 7.63 31.35 16.71
C SER A 213 7.81 31.35 18.23
N PRO A 214 6.76 31.61 19.04
CA PRO A 214 6.90 31.63 20.49
C PRO A 214 7.23 30.25 21.05
N TYR A 215 6.85 29.21 20.33
CA TYR A 215 7.14 27.80 20.58
C TYR A 215 7.29 27.08 19.24
N LEU A 216 8.17 26.09 19.16
CA LEU A 216 8.47 25.30 17.96
C LEU A 216 8.93 23.89 18.37
N GLN A 217 8.81 22.92 17.47
CA GLN A 217 9.17 21.54 17.70
C GLN A 217 9.81 20.91 16.45
N LEU A 218 10.86 20.09 16.61
CA LEU A 218 11.59 19.42 15.52
C LEU A 218 11.72 17.92 15.83
N PRO A 219 11.60 17.03 14.84
CA PRO A 219 11.93 15.63 15.04
C PRO A 219 13.46 15.47 15.10
N VAL A 220 14.00 14.63 15.98
CA VAL A 220 15.45 14.36 16.11
C VAL A 220 15.66 12.91 16.50
N GLY A 221 15.72 12.03 15.51
CA GLY A 221 15.83 10.58 15.62
C GLY A 221 15.10 9.82 14.51
N ASP A 222 15.06 8.50 14.59
CA ASP A 222 14.46 7.63 13.59
C ASP A 222 12.91 7.64 13.55
N LYS A 223 12.22 7.85 14.69
CA LYS A 223 10.76 7.60 14.79
C LYS A 223 9.83 8.76 14.44
N PHE A 228 5.00 10.78 9.56
CA PHE A 228 6.22 10.84 8.75
C PHE A 228 6.61 12.25 8.27
N LEU A 229 5.85 13.29 8.65
CA LEU A 229 6.11 14.68 8.29
C LEU A 229 7.32 15.28 9.02
N ILE A 230 8.00 16.21 8.36
CA ILE A 230 9.17 16.98 8.85
C ILE A 230 8.98 18.45 8.43
N PRO A 231 9.41 19.47 9.22
CA PRO A 231 9.35 20.89 8.86
C PRO A 231 9.82 21.21 7.44
N ASN A 232 8.96 21.85 6.65
CA ASN A 232 9.04 21.89 5.20
C ASN A 232 8.44 23.20 4.64
N ALA A 233 8.93 23.66 3.48
CA ALA A 233 8.44 24.85 2.80
C ALA A 233 8.33 24.64 1.30
N LYS A 234 7.32 25.23 0.65
CA LYS A 234 7.04 25.06 -0.78
C LYS A 234 6.72 26.40 -1.45
N TYR A 235 7.05 26.54 -2.72
CA TYR A 235 6.45 27.52 -3.62
C TYR A 235 5.85 26.80 -4.82
N THR A 236 4.66 27.18 -5.24
CA THR A 236 3.98 26.52 -6.37
C THR A 236 3.08 27.50 -7.11
N THR A 237 2.92 27.34 -8.42
CA THR A 237 1.96 28.15 -9.20
C THR A 237 0.49 27.91 -8.78
N THR A 238 0.18 26.77 -8.14
CA THR A 238 -1.15 26.45 -7.63
C THR A 238 -1.58 27.28 -6.41
N ASN A 239 -0.72 27.45 -5.40
CA ASN A 239 -1.04 28.09 -4.10
C ASN A 239 -0.07 29.23 -3.68
N TYR A 240 0.88 29.57 -4.54
CA TYR A 240 1.98 30.51 -4.27
C TYR A 240 2.88 29.99 -3.14
N PHE A 241 3.26 30.81 -2.16
CA PHE A 241 4.04 30.36 -1.01
C PHE A 241 3.24 29.45 -0.05
N GLU A 242 3.86 28.40 0.45
CA GLU A 242 3.30 27.50 1.46
C GLU A 242 4.36 27.12 2.51
N PHE A 243 3.92 26.74 3.70
CA PHE A 243 4.75 26.00 4.65
C PHE A 243 3.94 24.92 5.37
N TYR A 244 4.65 23.95 5.92
CA TYR A 244 4.12 22.83 6.69
C TYR A 244 4.98 22.70 7.94
N LEU A 245 4.40 22.90 9.12
CA LEU A 245 5.15 23.01 10.37
C LEU A 245 4.61 22.03 11.44
N PRO A 246 4.95 20.74 11.38
CA PRO A 246 4.29 19.70 12.16
C PRO A 246 4.67 19.70 13.63
N TYR A 247 3.70 19.41 14.50
CA TYR A 247 3.87 19.27 15.96
C TYR A 247 3.36 17.91 16.41
N TYR A 248 4.16 17.19 17.17
CA TYR A 248 3.93 15.81 17.52
C TYR A 248 3.58 15.70 19.01
N TRP A 249 2.42 15.16 19.33
CA TRP A 249 1.92 15.00 20.70
C TRP A 249 1.71 13.53 21.02
N ASN A 250 2.43 13.01 22.02
CA ASN A 250 2.19 11.69 22.60
C ASN A 250 1.02 11.77 23.57
N ILE A 251 -0.11 11.11 23.26
CA ILE A 251 -1.30 11.16 24.10
C ILE A 251 -1.24 10.06 25.18
N ALA A 252 -0.83 8.86 24.79
CA ALA A 252 -0.72 7.67 25.65
C ALA A 252 0.21 6.64 24.98
N PRO A 253 0.71 5.61 25.69
CA PRO A 253 1.58 4.60 25.10
C PRO A 253 1.03 4.04 23.78
N ASN A 254 1.83 4.15 22.72
CA ASN A 254 1.52 3.76 21.34
C ASN A 254 0.24 4.39 20.73
N MET A 255 -0.17 5.60 21.14
CA MET A 255 -0.98 6.49 20.30
C MET A 255 -0.50 7.96 20.32
N ASP A 256 -0.27 8.54 19.14
CA ASP A 256 0.40 9.82 18.99
C ASP A 256 -0.19 10.64 17.84
N ALA A 257 -0.40 11.94 18.05
CA ALA A 257 -0.91 12.88 17.04
C ALA A 257 0.21 13.70 16.37
N THR A 258 -0.06 14.24 15.18
CA THR A 258 0.79 15.17 14.43
C THR A 258 -0.03 16.37 13.93
N ILE A 259 -0.46 17.24 14.84
CA ILE A 259 -1.14 18.48 14.48
C ILE A 259 -0.20 19.39 13.68
N THR A 260 -0.64 19.78 12.49
CA THR A 260 0.21 20.39 11.48
C THR A 260 -0.48 21.58 10.83
N PRO A 261 -0.15 22.82 11.23
CA PRO A 261 -0.53 23.99 10.47
C PRO A 261 0.11 23.93 9.10
N HIS A 262 -0.72 23.99 8.05
CA HIS A 262 -0.31 24.13 6.66
C HIS A 262 -0.79 25.47 6.10
N TYR A 263 0.12 26.39 5.83
CA TYR A 263 -0.19 27.70 5.27
C TYR A 263 -0.21 27.65 3.74
N MET A 264 -1.11 28.41 3.12
CA MET A 264 -1.26 28.50 1.67
C MET A 264 -1.55 29.96 1.29
N HIS A 265 -0.56 30.69 0.75
CA HIS A 265 -0.62 32.15 0.61
C HIS A 265 -1.69 32.65 -0.36
N ARG A 266 -2.02 31.92 -1.43
CA ARG A 266 -3.14 32.24 -2.34
C ARG A 266 -4.49 32.22 -1.60
N ARG A 267 -4.57 31.45 -0.51
CA ARG A 267 -5.78 31.21 0.28
C ARG A 267 -5.82 32.09 1.54
N GLY A 268 -6.97 32.12 2.21
CA GLY A 268 -7.21 33.06 3.32
C GLY A 268 -6.62 32.65 4.66
N ASN A 269 -6.34 31.36 4.86
CA ASN A 269 -6.09 30.77 6.18
C ASN A 269 -5.06 29.64 6.13
N ILE A 270 -4.53 29.31 7.31
CA ILE A 270 -3.89 28.04 7.59
C ILE A 270 -4.95 26.92 7.50
N MET A 271 -4.70 25.92 6.66
CA MET A 271 -5.34 24.61 6.79
C MET A 271 -4.74 23.91 8.00
N TRP A 272 -5.57 23.34 8.85
CA TRP A 272 -5.12 22.52 9.94
C TRP A 272 -5.24 21.06 9.53
N GLU A 273 -4.10 20.38 9.45
CA GLU A 273 -3.98 18.95 9.17
C GLU A 273 -3.68 18.22 10.48
N ASN A 274 -4.29 17.05 10.71
CA ASN A 274 -4.41 16.44 12.03
C ASN A 274 -4.30 14.91 11.99
N GLU A 275 -3.18 14.37 11.50
CA GLU A 275 -2.95 12.93 11.56
C GLU A 275 -2.88 12.44 13.01
N PHE A 276 -3.72 11.49 13.37
CA PHE A 276 -3.64 10.73 14.62
C PHE A 276 -3.38 9.25 14.31
N ARG A 277 -2.32 8.66 14.86
CA ARG A 277 -1.93 7.26 14.65
C ARG A 277 -2.01 6.50 15.96
N TYR A 278 -2.46 5.24 15.93
CA TYR A 278 -2.66 4.46 17.15
C TYR A 278 -2.51 2.95 16.96
N LEU A 279 -2.22 2.28 18.07
CA LEU A 279 -2.34 0.83 18.30
C LEU A 279 -3.37 0.59 19.41
N SER A 280 -4.07 -0.55 19.36
CA SER A 280 -5.15 -0.92 20.26
C SER A 280 -5.33 -2.44 20.28
N GLN A 281 -6.08 -2.98 21.23
CA GLN A 281 -6.42 -4.42 21.24
C GLN A 281 -7.13 -4.85 19.95
N ALA A 282 -7.96 -3.97 19.38
CA ALA A 282 -8.68 -4.18 18.12
C ALA A 282 -7.82 -4.03 16.85
N GLY A 283 -6.54 -3.64 16.95
CA GLY A 283 -5.66 -3.38 15.80
C GLY A 283 -5.11 -1.95 15.74
N ALA A 284 -4.60 -1.57 14.58
CA ALA A 284 -3.89 -0.34 14.34
C ALA A 284 -4.59 0.54 13.28
N GLY A 285 -4.40 1.85 13.36
CA GLY A 285 -5.06 2.75 12.43
C GLY A 285 -4.49 4.16 12.39
N LEU A 286 -5.04 4.92 11.45
CA LEU A 286 -4.76 6.32 11.20
C LEU A 286 -6.08 7.06 11.00
N MET A 287 -6.20 8.23 11.62
CA MET A 287 -7.23 9.21 11.31
C MET A 287 -6.57 10.48 10.80
N GLU A 288 -7.24 11.18 9.89
CA GLU A 288 -6.89 12.51 9.41
C GLU A 288 -8.16 13.37 9.38
N LEU A 289 -8.01 14.63 9.73
CA LEU A 289 -9.04 15.64 9.72
C LEU A 289 -8.44 16.96 9.24
N ASP A 290 -8.46 17.17 7.94
CA ASP A 290 -8.07 18.43 7.33
C ASP A 290 -9.21 19.45 7.50
N TYR A 291 -8.90 20.69 7.87
CA TYR A 291 -9.91 21.75 8.00
C TYR A 291 -9.38 23.12 7.57
N LEU A 292 -10.13 23.84 6.72
CA LEU A 292 -10.01 25.27 6.45
C LEU A 292 -11.29 25.98 6.91
N PRO A 293 -11.22 26.92 7.87
CA PRO A 293 -12.38 27.67 8.34
C PRO A 293 -13.11 28.43 7.22
N SER A 294 -12.35 28.97 6.27
CA SER A 294 -12.83 29.52 5.02
C SER A 294 -11.70 29.50 3.98
N ASP A 295 -12.06 29.57 2.70
CA ASP A 295 -11.14 29.37 1.57
C ASP A 295 -11.45 30.39 0.46
N LYS A 296 -10.63 31.45 0.36
CA LYS A 296 -10.79 32.52 -0.64
C LYS A 296 -10.90 32.03 -2.08
N VAL A 297 -10.19 30.96 -2.45
CA VAL A 297 -10.26 30.42 -3.82
C VAL A 297 -11.61 29.77 -4.08
N TYR A 298 -12.15 29.00 -3.12
CA TYR A 298 -13.50 28.45 -3.21
C TYR A 298 -14.57 29.55 -3.10
N GLU A 299 -14.37 30.57 -2.28
CA GLU A 299 -15.27 31.72 -2.18
C GLU A 299 -15.31 32.55 -3.49
N ASP A 300 -14.18 32.69 -4.19
CA ASP A 300 -14.11 33.36 -5.49
C ASP A 300 -14.68 32.50 -6.64
N GLU A 301 -14.40 31.19 -6.67
CA GLU A 301 -14.73 30.31 -7.80
C GLU A 301 -16.03 29.50 -7.61
N HIS A 302 -16.61 29.52 -6.41
CA HIS A 302 -17.94 28.97 -6.09
C HIS A 302 -18.72 29.88 -5.13
N PRO A 303 -18.95 31.17 -5.47
CA PRO A 303 -19.68 32.11 -4.64
C PRO A 303 -21.17 31.76 -4.50
N ASN A 304 -21.86 32.43 -3.58
CA ASN A 304 -23.27 32.19 -3.21
C ASN A 304 -23.56 30.83 -2.53
N ASP A 305 -22.52 30.10 -2.11
CA ASP A 305 -22.64 28.92 -1.23
C ASP A 305 -22.90 29.34 0.23
N ASP A 306 -23.49 28.44 1.05
CA ASP A 306 -23.87 28.73 2.43
C ASP A 306 -22.67 29.03 3.34
N SER A 307 -21.54 28.35 3.11
CA SER A 307 -20.27 28.57 3.82
C SER A 307 -19.07 28.16 2.98
N SER A 308 -17.88 28.65 3.33
CA SER A 308 -16.63 28.48 2.58
C SER A 308 -15.72 27.35 3.12
N ARG A 309 -16.19 26.60 4.13
CA ARG A 309 -15.41 25.56 4.84
C ARG A 309 -14.95 24.46 3.88
N ARG A 310 -13.69 24.03 3.99
CA ARG A 310 -13.17 22.86 3.27
C ARG A 310 -12.61 21.87 4.28
N TRP A 311 -13.02 20.61 4.21
CA TRP A 311 -12.55 19.57 5.11
C TRP A 311 -12.58 18.21 4.44
N LEU A 312 -11.74 17.34 4.99
CA LEU A 312 -11.67 15.93 4.69
C LEU A 312 -11.55 15.19 6.03
N PHE A 313 -12.31 14.13 6.19
CA PHE A 313 -12.10 13.15 7.24
C PHE A 313 -11.77 11.80 6.63
N TYR A 314 -10.62 11.26 6.98
CA TYR A 314 -10.20 9.91 6.63
C TYR A 314 -9.98 9.11 7.90
N TRP A 315 -10.51 7.89 7.96
CA TRP A 315 -10.19 6.93 9.00
C TRP A 315 -9.89 5.58 8.36
N ASN A 316 -8.69 5.09 8.60
CA ASN A 316 -8.27 3.74 8.33
C ASN A 316 -8.04 3.01 9.64
N HIS A 317 -8.60 1.82 9.77
CA HIS A 317 -8.28 0.87 10.82
C HIS A 317 -8.17 -0.51 10.21
N SER A 318 -7.20 -1.30 10.63
CA SER A 318 -7.23 -2.74 10.39
C SER A 318 -6.57 -3.51 11.53
N GLY A 319 -7.12 -4.65 11.90
CA GLY A 319 -6.42 -5.62 12.73
C GLY A 319 -7.29 -6.75 13.23
N VAL A 320 -6.66 -7.66 13.98
CA VAL A 320 -7.28 -8.84 14.57
C VAL A 320 -7.00 -8.88 16.07
N MET A 321 -8.01 -9.24 16.85
CA MET A 321 -7.98 -9.35 18.30
C MET A 321 -8.20 -10.79 18.73
N ASP A 322 -7.36 -11.29 19.63
CA ASP A 322 -7.39 -12.69 20.12
C ASP A 322 -7.33 -13.74 18.99
N GLN A 323 -6.74 -13.36 17.85
CA GLN A 323 -6.74 -14.07 16.56
C GLN A 323 -8.13 -14.35 15.94
N VAL A 324 -9.25 -13.98 16.57
CA VAL A 324 -10.61 -14.37 16.15
C VAL A 324 -11.54 -13.21 15.78
N TRP A 325 -11.37 -12.02 16.33
CA TRP A 325 -12.20 -10.85 15.99
C TRP A 325 -11.45 -9.95 15.03
N ARG A 326 -12.03 -9.65 13.86
CA ARG A 326 -11.44 -8.82 12.80
C ARG A 326 -12.18 -7.48 12.71
N PHE A 327 -11.46 -6.37 12.73
CA PHE A 327 -12.00 -5.02 12.64
C PHE A 327 -11.39 -4.26 11.47
N ASN A 328 -12.21 -3.65 10.62
CA ASN A 328 -11.76 -2.81 9.52
C ASN A 328 -12.60 -1.55 9.36
N VAL A 329 -11.94 -0.41 9.16
CA VAL A 329 -12.54 0.85 8.75
C VAL A 329 -11.74 1.38 7.56
N ASP A 330 -12.45 1.79 6.52
CA ASP A 330 -11.91 2.32 5.27
C ASP A 330 -12.85 3.42 4.82
N TYR A 331 -12.74 4.57 5.49
CA TYR A 331 -13.74 5.63 5.47
C TYR A 331 -13.12 6.96 5.05
N THR A 332 -13.65 7.59 4.01
CA THR A 332 -13.30 8.95 3.60
C THR A 332 -14.56 9.76 3.32
N LYS A 333 -14.65 10.98 3.83
CA LYS A 333 -15.75 11.92 3.57
C LYS A 333 -15.20 13.34 3.43
N VAL A 334 -15.76 14.12 2.51
CA VAL A 334 -15.31 15.48 2.17
C VAL A 334 -16.47 16.46 2.04
N SER A 335 -16.21 17.76 2.20
CA SER A 335 -17.24 18.80 2.22
C SER A 335 -18.01 18.95 0.92
N ASP A 336 -17.29 18.84 -0.21
CA ASP A 336 -17.77 19.17 -1.54
C ASP A 336 -17.07 18.30 -2.59
N PRO A 337 -17.69 18.09 -3.77
CA PRO A 337 -17.11 17.36 -4.90
C PRO A 337 -15.68 17.76 -5.32
N SER A 338 -15.25 19.00 -5.12
CA SER A 338 -14.03 19.55 -5.73
C SER A 338 -12.79 19.47 -4.85
N TYR A 339 -12.91 18.93 -3.63
CA TYR A 339 -11.84 18.93 -2.64
C TYR A 339 -10.52 18.37 -3.18
N PHE A 340 -10.55 17.22 -3.86
CA PHE A 340 -9.36 16.56 -4.40
C PHE A 340 -8.85 17.19 -5.71
N ASN A 341 -9.65 18.01 -6.40
CA ASN A 341 -9.17 18.84 -7.50
C ASN A 341 -8.33 20.01 -6.96
N ASP A 342 -8.73 20.54 -5.80
CA ASP A 342 -8.07 21.67 -5.15
C ASP A 342 -6.86 21.29 -4.31
N PHE A 343 -6.93 20.24 -3.50
CA PHE A 343 -5.91 19.92 -2.49
C PHE A 343 -5.15 18.62 -2.75
N ASP A 344 -3.85 18.75 -2.97
CA ASP A 344 -2.89 17.65 -3.01
C ASP A 344 -2.84 16.98 -1.63
N ASN A 345 -3.30 15.74 -1.54
CA ASN A 345 -3.30 14.95 -0.32
C ASN A 345 -3.17 13.44 -0.60
N LYS A 346 -2.80 12.67 0.43
CA LYS A 346 -2.54 11.23 0.35
C LYS A 346 -3.80 10.37 0.15
N TYR A 347 -4.98 10.91 0.49
CA TYR A 347 -6.18 10.14 0.84
C TYR A 347 -7.27 10.16 -0.24
N GLY A 348 -6.92 10.63 -1.43
CA GLY A 348 -7.72 10.61 -2.65
C GLY A 348 -7.06 11.46 -3.75
N SER A 349 -7.69 11.57 -4.91
CA SER A 349 -7.12 12.25 -6.07
C SER A 349 -8.21 12.89 -6.92
N SER A 350 -7.87 13.92 -7.72
CA SER A 350 -8.79 14.48 -8.73
C SER A 350 -9.27 13.42 -9.71
N THR A 351 -8.52 12.34 -9.83
CA THR A 351 -8.80 11.16 -10.63
C THR A 351 -10.03 10.37 -10.14
N ASP A 352 -10.46 10.57 -8.89
CA ASP A 352 -11.53 9.81 -8.24
C ASP A 352 -12.94 10.38 -8.50
N GLY A 353 -13.93 9.51 -8.67
CA GLY A 353 -15.34 9.89 -8.87
C GLY A 353 -16.22 9.83 -7.63
N TYR A 354 -15.76 9.20 -6.55
CA TYR A 354 -16.48 9.01 -5.30
C TYR A 354 -15.54 8.76 -4.11
N ALA A 355 -15.99 9.04 -2.90
CA ALA A 355 -15.34 8.68 -1.65
C ALA A 355 -16.05 7.47 -1.02
N THR A 356 -15.29 6.43 -0.68
CA THR A 356 -15.78 5.17 -0.13
C THR A 356 -15.84 5.19 1.40
N GLN A 357 -16.87 4.60 2.01
CA GLN A 357 -17.15 4.64 3.45
C GLN A 357 -17.54 3.26 3.99
N LYS A 358 -16.55 2.41 4.29
CA LYS A 358 -16.75 1.07 4.83
C LYS A 358 -16.50 0.99 6.33
N PHE A 359 -17.34 0.25 7.02
CA PHE A 359 -17.09 -0.26 8.36
C PHE A 359 -17.37 -1.76 8.36
N SER A 360 -16.56 -2.59 9.01
CA SER A 360 -16.92 -3.98 9.28
C SER A 360 -16.35 -4.53 10.59
N VAL A 361 -17.11 -5.43 11.19
CA VAL A 361 -16.75 -6.24 12.35
C VAL A 361 -17.04 -7.69 12.01
N GLY A 362 -16.07 -8.58 12.18
CA GLY A 362 -16.26 -10.00 11.94
C GLY A 362 -15.63 -10.91 12.97
N TYR A 363 -16.19 -12.10 13.11
CA TYR A 363 -15.63 -13.22 13.85
C TYR A 363 -15.20 -14.29 12.85
N ALA A 364 -13.96 -14.74 12.95
CA ALA A 364 -13.39 -15.75 12.07
C ALA A 364 -12.63 -16.80 12.86
N VAL A 365 -12.88 -18.06 12.56
CA VAL A 365 -12.21 -19.25 13.12
C VAL A 365 -11.90 -20.22 11.98
N GLN A 366 -11.26 -21.34 12.25
CA GLN A 366 -10.80 -22.23 11.19
C GLN A 366 -11.95 -22.78 10.32
N ASN A 367 -13.11 -23.07 10.91
CA ASN A 367 -14.26 -23.71 10.24
C ASN A 367 -15.48 -22.79 10.02
N PHE A 368 -15.44 -21.52 10.42
CA PHE A 368 -16.58 -20.61 10.35
C PHE A 368 -16.10 -19.14 10.29
N ASN A 369 -16.83 -18.29 9.59
CA ASN A 369 -16.73 -16.85 9.79
C ASN A 369 -18.08 -16.15 9.57
N ALA A 370 -18.28 -15.03 10.25
CA ALA A 370 -19.42 -14.15 10.11
C ALA A 370 -18.94 -12.70 10.18
N THR A 371 -19.38 -11.86 9.26
CA THR A 371 -19.00 -10.44 9.23
C THR A 371 -20.21 -9.56 8.95
N VAL A 372 -20.36 -8.50 9.77
CA VAL A 372 -21.36 -7.46 9.60
C VAL A 372 -20.65 -6.23 9.09
N SER A 373 -21.15 -5.62 8.03
CA SER A 373 -20.53 -4.49 7.36
C SER A 373 -21.55 -3.46 6.90
N THR A 374 -21.09 -2.24 6.72
CA THR A 374 -21.78 -1.16 6.04
C THR A 374 -20.93 -0.72 4.88
N LYS A 375 -21.49 -0.60 3.68
CA LYS A 375 -20.83 -0.01 2.52
C LYS A 375 -21.63 1.20 2.06
N GLN A 376 -21.03 2.38 2.10
CA GLN A 376 -21.60 3.65 1.65
C GLN A 376 -20.62 4.37 0.72
N PHE A 377 -21.14 5.24 -0.14
CA PHE A 377 -20.36 5.95 -1.17
C PHE A 377 -20.87 7.37 -1.37
N GLN A 378 -20.02 8.36 -1.11
CA GLN A 378 -20.26 9.75 -1.50
C GLN A 378 -19.83 9.95 -2.95
N VAL A 379 -20.76 9.92 -3.90
CA VAL A 379 -20.47 10.20 -5.31
C VAL A 379 -20.35 11.70 -5.56
N PHE A 380 -19.29 12.13 -6.23
CA PHE A 380 -18.99 13.55 -6.42
C PHE A 380 -19.79 14.22 -7.55
N SER A 381 -20.14 13.49 -8.61
CA SER A 381 -20.86 14.06 -9.75
C SER A 381 -22.30 14.45 -9.41
N GLU A 382 -22.70 15.67 -9.79
CA GLU A 382 -24.10 16.14 -9.73
C GLU A 382 -24.99 15.58 -10.85
N GLN A 383 -24.42 14.88 -11.85
CA GLN A 383 -25.15 14.38 -13.03
C GLN A 383 -26.20 13.31 -12.68
N ASN A 384 -25.98 12.52 -11.63
CA ASN A 384 -26.95 11.55 -11.10
C ASN A 384 -26.77 11.39 -9.58
N THR A 385 -27.80 11.74 -8.81
CA THR A 385 -27.84 11.64 -7.35
C THR A 385 -27.93 10.18 -6.85
N SER A 386 -28.33 9.22 -7.69
CA SER A 386 -28.51 7.83 -7.29
C SER A 386 -27.19 7.19 -6.84
N SER A 387 -27.22 6.60 -5.65
CA SER A 387 -26.13 5.82 -5.07
C SER A 387 -26.72 4.84 -4.07
N TYR A 388 -26.59 3.54 -4.33
CA TYR A 388 -26.97 2.49 -3.41
C TYR A 388 -25.91 2.23 -2.34
N SER A 389 -26.36 1.86 -1.15
CA SER A 389 -25.55 1.49 0.01
C SER A 389 -26.08 0.21 0.63
N ALA A 390 -25.19 -0.61 1.17
CA ALA A 390 -25.54 -1.77 1.98
C ALA A 390 -25.59 -1.36 3.45
N GLU A 391 -26.76 -1.42 4.08
CA GLU A 391 -27.00 -0.87 5.42
C GLU A 391 -27.97 -1.74 6.26
N PRO A 392 -27.51 -2.82 6.93
CA PRO A 392 -26.20 -3.45 6.84
C PRO A 392 -26.14 -4.57 5.79
N GLN A 393 -24.96 -5.15 5.63
CA GLN A 393 -24.70 -6.45 5.02
C GLN A 393 -24.11 -7.41 6.05
N LEU A 394 -24.69 -8.59 6.18
CA LEU A 394 -24.20 -9.73 6.95
C LEU A 394 -23.78 -10.84 5.99
N ASP A 395 -22.51 -11.25 6.01
CA ASP A 395 -21.98 -12.42 5.30
C ASP A 395 -21.57 -13.51 6.30
N VAL A 396 -21.92 -14.76 6.02
CA VAL A 396 -21.62 -15.93 6.86
C VAL A 396 -21.07 -17.05 5.99
N ASN A 397 -19.98 -17.69 6.41
CA ASN A 397 -19.44 -18.91 5.81
C ASN A 397 -19.25 -19.97 6.88
N TYR A 398 -19.62 -21.21 6.59
CA TYR A 398 -19.29 -22.38 7.39
C TYR A 398 -18.64 -23.42 6.51
N TYR A 399 -17.59 -24.08 7.00
CA TYR A 399 -16.79 -25.07 6.31
C TYR A 399 -16.74 -26.38 7.08
N GLN A 400 -16.97 -27.51 6.41
CA GLN A 400 -16.83 -28.85 6.97
C GLN A 400 -16.24 -29.81 5.93
N ASN A 401 -14.94 -30.05 6.07
CA ASN A 401 -14.17 -31.00 5.28
C ASN A 401 -14.39 -32.44 5.75
N ASP A 402 -13.97 -33.41 4.95
CA ASP A 402 -13.94 -34.84 5.32
C ASP A 402 -15.30 -35.42 5.75
N VAL A 403 -16.41 -34.93 5.19
CA VAL A 403 -17.75 -35.52 5.35
C VAL A 403 -17.93 -36.64 4.32
N GLY A 404 -17.44 -37.83 4.67
CA GLY A 404 -17.16 -38.88 3.68
C GLY A 404 -16.00 -38.45 2.78
N PRO A 405 -16.06 -38.68 1.46
CA PRO A 405 -15.04 -38.18 0.54
C PRO A 405 -15.21 -36.69 0.23
N PHE A 406 -16.35 -36.10 0.60
CA PHE A 406 -16.72 -34.73 0.27
C PHE A 406 -16.15 -33.70 1.24
N ASP A 407 -15.87 -32.51 0.70
CA ASP A 407 -15.77 -31.28 1.46
C ASP A 407 -16.99 -30.41 1.19
N THR A 408 -17.57 -29.85 2.24
CA THR A 408 -18.79 -29.05 2.18
C THR A 408 -18.58 -27.67 2.77
N ARG A 409 -19.31 -26.69 2.25
CA ARG A 409 -19.36 -25.33 2.77
C ARG A 409 -20.74 -24.74 2.54
N ILE A 410 -21.16 -23.81 3.37
CA ILE A 410 -22.39 -23.04 3.16
C ILE A 410 -22.09 -21.56 3.32
N TYR A 411 -22.50 -20.76 2.34
CA TYR A 411 -22.45 -19.31 2.37
C TYR A 411 -23.86 -18.75 2.51
N GLY A 412 -24.03 -17.85 3.47
CA GLY A 412 -25.26 -17.12 3.70
C GLY A 412 -24.98 -15.62 3.65
N GLN A 413 -25.90 -14.85 3.10
CA GLN A 413 -25.86 -13.40 3.20
C GLN A 413 -27.24 -12.84 3.47
N ALA A 414 -27.33 -11.82 4.31
CA ALA A 414 -28.49 -10.95 4.42
C ALA A 414 -28.04 -9.50 4.21
N VAL A 415 -28.71 -8.75 3.34
CA VAL A 415 -28.38 -7.35 3.09
C VAL A 415 -29.63 -6.50 2.92
N HIS A 416 -29.58 -5.28 3.43
CA HIS A 416 -30.57 -4.25 3.14
C HIS A 416 -29.95 -3.17 2.26
N PHE A 417 -30.56 -2.87 1.13
CA PHE A 417 -30.10 -1.89 0.16
C PHE A 417 -30.95 -0.63 0.26
N VAL A 418 -30.29 0.50 0.48
CA VAL A 418 -30.90 1.83 0.60
C VAL A 418 -30.30 2.77 -0.44
N ASN A 419 -31.04 3.77 -0.88
CA ASN A 419 -30.56 4.75 -1.87
C ASN A 419 -30.53 6.17 -1.27
N THR A 420 -29.65 7.01 -1.81
CA THR A 420 -29.59 8.44 -1.49
C THR A 420 -30.87 9.19 -1.92
N ARG A 421 -31.54 8.74 -2.98
CA ARG A 421 -32.83 9.27 -3.45
C ARG A 421 -34.02 8.67 -2.70
N ASP A 422 -35.04 9.49 -2.44
CA ASP A 422 -36.29 9.09 -1.81
C ASP A 422 -37.19 8.20 -2.68
N ASP A 423 -36.97 8.17 -4.00
CA ASP A 423 -37.86 7.56 -4.99
C ASP A 423 -37.30 6.32 -5.71
N MET A 424 -36.09 5.88 -5.37
CA MET A 424 -35.53 4.62 -5.90
C MET A 424 -36.04 3.40 -5.11
N PRO A 425 -36.10 2.19 -5.72
CA PRO A 425 -36.38 0.96 -5.01
C PRO A 425 -35.48 0.74 -3.78
N GLU A 426 -36.00 0.11 -2.74
CA GLU A 426 -35.21 -0.39 -1.60
C GLU A 426 -35.51 -1.87 -1.37
N ALA A 427 -34.56 -2.64 -0.87
CA ALA A 427 -34.73 -4.09 -0.76
C ALA A 427 -34.05 -4.69 0.46
N THR A 428 -34.63 -5.77 0.97
CA THR A 428 -33.91 -6.75 1.78
C THR A 428 -33.74 -8.00 0.94
N ARG A 429 -32.50 -8.50 0.86
CA ARG A 429 -32.14 -9.74 0.19
C ARG A 429 -31.58 -10.74 1.20
N VAL A 430 -32.07 -11.97 1.21
CA VAL A 430 -31.46 -13.10 1.91
C VAL A 430 -31.03 -14.14 0.89
N HIS A 431 -29.76 -14.55 0.92
CA HIS A 431 -29.15 -15.51 0.02
C HIS A 431 -28.55 -16.68 0.81
N LEU A 432 -28.72 -17.89 0.31
CA LEU A 432 -28.23 -19.13 0.88
C LEU A 432 -27.59 -19.97 -0.23
N GLU A 433 -26.41 -20.52 0.04
CA GLU A 433 -25.57 -21.20 -0.95
C GLU A 433 -24.88 -22.45 -0.37
N PRO A 434 -25.65 -23.52 -0.05
CA PRO A 434 -25.07 -24.79 0.34
C PRO A 434 -24.31 -25.42 -0.82
N THR A 435 -23.10 -25.85 -0.55
CA THR A 435 -22.10 -26.29 -1.54
C THR A 435 -21.45 -27.60 -1.11
N ILE A 436 -21.30 -28.52 -2.03
CA ILE A 436 -20.62 -29.79 -1.84
C ILE A 436 -19.63 -30.04 -2.98
N ASN A 437 -18.40 -30.46 -2.67
CA ASN A 437 -17.42 -30.80 -3.70
C ASN A 437 -16.59 -32.04 -3.36
N LEU A 438 -16.10 -32.69 -4.42
CA LEU A 438 -15.37 -33.94 -4.40
C LEU A 438 -14.02 -33.76 -5.12
N PRO A 439 -12.97 -33.36 -4.39
CA PRO A 439 -11.64 -33.18 -4.95
C PRO A 439 -10.91 -34.51 -5.08
N LEU A 440 -10.61 -34.92 -6.31
CA LEU A 440 -9.76 -36.06 -6.64
C LEU A 440 -8.46 -35.56 -7.28
N SER A 441 -7.32 -36.09 -6.84
CA SER A 441 -6.00 -35.67 -7.34
C SER A 441 -4.95 -36.78 -7.29
N ASN A 442 -3.90 -36.63 -8.09
CA ASN A 442 -2.67 -37.41 -8.03
C ASN A 442 -1.45 -36.54 -8.41
N ASN A 443 -0.30 -37.14 -8.68
CA ASN A 443 0.96 -36.44 -8.98
C ASN A 443 0.85 -35.48 -10.19
N TRP A 444 0.10 -35.90 -11.22
CA TRP A 444 0.09 -35.28 -12.55
C TRP A 444 -1.22 -34.60 -12.92
N GLY A 445 -2.31 -34.78 -12.16
CA GLY A 445 -3.58 -34.17 -12.47
C GLY A 445 -4.57 -34.17 -11.32
N SER A 446 -5.68 -33.47 -11.53
CA SER A 446 -6.81 -33.40 -10.61
C SER A 446 -8.12 -33.21 -11.35
N ILE A 447 -9.22 -33.64 -10.74
CA ILE A 447 -10.57 -33.31 -11.15
C ILE A 447 -11.41 -32.98 -9.92
N ASN A 448 -12.05 -31.81 -9.94
CA ASN A 448 -12.87 -31.31 -8.86
C ASN A 448 -14.31 -31.17 -9.35
N THR A 449 -15.25 -31.88 -8.71
CA THR A 449 -16.68 -31.81 -9.03
C THR A 449 -17.37 -31.03 -7.92
N GLU A 450 -18.14 -30.01 -8.25
CA GLU A 450 -18.81 -29.15 -7.27
C GLU A 450 -20.28 -28.96 -7.64
N ALA A 451 -21.17 -29.08 -6.65
CA ALA A 451 -22.57 -28.72 -6.76
C ALA A 451 -22.92 -27.65 -5.73
N LYS A 452 -23.74 -26.69 -6.14
CA LYS A 452 -24.34 -25.68 -5.28
C LYS A 452 -25.85 -25.60 -5.49
N LEU A 453 -26.56 -25.10 -4.50
CA LEU A 453 -27.88 -24.52 -4.69
C LEU A 453 -27.79 -23.02 -4.46
N LEU A 454 -28.18 -22.22 -5.44
CA LEU A 454 -28.27 -20.77 -5.32
C LEU A 454 -29.71 -20.44 -4.93
N ALA A 455 -29.98 -20.15 -3.66
CA ALA A 455 -31.31 -19.78 -3.17
C ALA A 455 -31.34 -18.33 -2.70
N THR A 456 -32.20 -17.49 -3.26
CA THR A 456 -32.32 -16.08 -2.88
C THR A 456 -33.77 -15.68 -2.73
N HIS A 457 -34.07 -14.95 -1.67
CA HIS A 457 -35.34 -14.27 -1.43
C HIS A 457 -35.14 -12.75 -1.44
N TYR A 458 -35.94 -12.04 -2.23
CA TYR A 458 -36.06 -10.59 -2.22
C TYR A 458 -37.41 -10.13 -1.66
N GLN A 459 -37.39 -9.16 -0.77
CA GLN A 459 -38.52 -8.29 -0.47
C GLN A 459 -38.12 -6.88 -0.92
N GLN A 460 -38.75 -6.37 -1.99
CA GLN A 460 -38.50 -5.06 -2.60
C GLN A 460 -39.64 -4.08 -2.32
N THR A 461 -39.32 -2.84 -1.99
CA THR A 461 -40.24 -1.78 -1.59
C THR A 461 -39.91 -0.46 -2.29
N ASN A 462 -40.80 0.53 -2.17
CA ASN A 462 -40.65 1.85 -2.80
C ASN A 462 -40.66 1.80 -4.34
N LEU A 463 -41.40 0.84 -4.91
CA LEU A 463 -41.36 0.48 -6.33
C LEU A 463 -42.15 1.41 -7.26
N ASP A 464 -43.03 2.25 -6.75
CA ASP A 464 -44.02 3.00 -7.55
C ASP A 464 -43.39 3.92 -8.60
N TRP A 465 -42.31 4.62 -8.29
CA TRP A 465 -41.65 5.50 -9.26
C TRP A 465 -41.00 4.72 -10.41
N TYR A 466 -40.42 3.56 -10.14
CA TYR A 466 -39.83 2.70 -11.16
C TYR A 466 -40.92 2.04 -12.01
N ASN A 467 -41.92 1.43 -11.38
CA ASN A 467 -42.99 0.72 -12.08
C ASN A 467 -43.94 1.65 -12.86
N SER A 468 -44.01 2.94 -12.51
CA SER A 468 -44.70 3.96 -13.33
C SER A 468 -43.87 4.55 -14.47
N ARG A 469 -42.59 4.17 -14.63
CA ARG A 469 -41.68 4.62 -15.69
C ARG A 469 -41.12 3.52 -16.60
N ASN A 470 -41.35 2.25 -16.30
CA ASN A 470 -40.70 1.11 -16.97
C ASN A 470 -41.70 0.04 -17.42
N THR A 471 -41.45 -0.59 -18.58
CA THR A 471 -42.35 -1.57 -19.20
C THR A 471 -42.29 -2.94 -18.56
N THR A 472 -41.12 -3.40 -18.13
CA THR A 472 -40.95 -4.64 -17.36
C THR A 472 -40.88 -4.32 -15.88
N LYS A 473 -41.85 -4.81 -15.09
CA LYS A 473 -42.09 -4.39 -13.70
C LYS A 473 -41.18 -5.12 -12.70
N LEU A 474 -40.80 -4.42 -11.62
CA LEU A 474 -40.26 -5.02 -10.40
C LEU A 474 -41.39 -5.61 -9.55
N ASP A 475 -41.12 -6.73 -8.88
CA ASP A 475 -42.07 -7.43 -8.01
C ASP A 475 -41.69 -7.32 -6.53
N GLU A 476 -42.69 -7.21 -5.64
CA GLU A 476 -42.48 -7.03 -4.21
C GLU A 476 -41.75 -8.23 -3.58
N SER A 477 -42.22 -9.44 -3.84
CA SER A 477 -41.62 -10.68 -3.37
C SER A 477 -41.10 -11.49 -4.54
N VAL A 478 -39.81 -11.84 -4.55
CA VAL A 478 -39.22 -12.71 -5.57
C VAL A 478 -38.38 -13.80 -4.90
N ASN A 479 -38.60 -15.05 -5.30
CA ASN A 479 -37.79 -16.20 -4.92
C ASN A 479 -37.06 -16.74 -6.15
N ARG A 480 -35.74 -16.79 -6.12
CA ARG A 480 -34.90 -17.33 -7.18
C ARG A 480 -34.12 -18.52 -6.65
N VAL A 481 -34.43 -19.73 -7.13
CA VAL A 481 -33.73 -20.96 -6.76
C VAL A 481 -33.14 -21.62 -8.00
N MET A 482 -31.82 -21.83 -8.00
CA MET A 482 -31.06 -22.33 -9.16
C MET A 482 -30.08 -23.41 -8.71
N PRO A 483 -30.05 -24.62 -9.30
CA PRO A 483 -28.91 -25.51 -9.12
C PRO A 483 -27.71 -24.99 -9.92
N GLN A 484 -26.50 -25.21 -9.42
CA GLN A 484 -25.26 -24.99 -10.16
C GLN A 484 -24.41 -26.26 -10.10
N PHE A 485 -23.81 -26.64 -11.23
CA PHE A 485 -22.90 -27.76 -11.34
C PHE A 485 -21.62 -27.34 -12.06
N LYS A 486 -20.47 -27.74 -11.53
CA LYS A 486 -19.15 -27.39 -12.04
C LYS A 486 -18.23 -28.60 -12.02
N VAL A 487 -17.50 -28.85 -13.09
CA VAL A 487 -16.40 -29.84 -13.14
C VAL A 487 -15.14 -29.15 -13.64
N ASP A 488 -14.09 -29.09 -12.81
CA ASP A 488 -12.80 -28.46 -13.13
C ASP A 488 -11.70 -29.51 -13.16
N GLY A 489 -11.03 -29.68 -14.30
CA GLY A 489 -10.01 -30.71 -14.50
C GLY A 489 -8.70 -30.13 -15.03
N LYS A 490 -7.59 -30.51 -14.40
CA LYS A 490 -6.24 -30.01 -14.73
C LYS A 490 -5.24 -31.16 -14.87
N MET A 491 -4.24 -30.99 -15.73
CA MET A 491 -3.09 -31.88 -15.87
C MET A 491 -1.78 -31.10 -15.89
N VAL A 492 -0.66 -31.77 -15.63
CA VAL A 492 0.69 -31.21 -15.75
C VAL A 492 1.63 -32.18 -16.47
N PHE A 493 2.27 -31.68 -17.52
CA PHE A 493 3.30 -32.37 -18.26
C PHE A 493 4.63 -31.64 -18.10
N GLU A 494 5.74 -32.38 -18.11
CA GLU A 494 7.10 -31.85 -18.01
C GLU A 494 7.98 -32.34 -19.15
N ARG A 495 8.99 -31.55 -19.51
CA ARG A 495 9.97 -31.83 -20.56
C ARG A 495 11.33 -31.21 -20.23
N ASP A 496 12.41 -31.84 -20.64
CA ASP A 496 13.76 -31.29 -20.53
C ASP A 496 14.00 -30.25 -21.63
N MET A 497 14.38 -29.03 -21.25
CA MET A 497 14.49 -27.85 -22.11
C MET A 497 15.95 -27.56 -22.50
N GLU A 498 16.77 -28.60 -22.64
CA GLU A 498 18.22 -28.50 -22.91
C GLU A 498 18.55 -27.83 -24.26
N MET A 499 17.57 -27.69 -25.15
CA MET A 499 17.61 -26.83 -26.33
C MET A 499 17.90 -25.35 -26.01
N LEU A 500 17.43 -24.85 -24.86
CA LEU A 500 17.58 -23.47 -24.41
C LEU A 500 18.87 -23.29 -23.59
N ALA A 501 19.00 -24.03 -22.50
CA ALA A 501 20.16 -24.02 -21.62
C ALA A 501 20.26 -25.32 -20.81
N PRO A 502 21.44 -25.71 -20.31
CA PRO A 502 21.62 -26.94 -19.53
C PRO A 502 20.69 -27.03 -18.33
N GLY A 503 19.94 -28.13 -18.22
CA GLY A 503 19.15 -28.47 -17.03
C GLY A 503 17.82 -27.72 -16.87
N TYR A 504 17.48 -26.80 -17.77
CA TYR A 504 16.19 -26.11 -17.75
C TYR A 504 15.06 -27.11 -18.04
N THR A 505 13.85 -26.84 -17.56
CA THR A 505 12.68 -27.69 -17.78
C THR A 505 11.45 -26.88 -18.13
N GLN A 506 10.65 -27.39 -19.05
CA GLN A 506 9.39 -26.79 -19.46
C GLN A 506 8.21 -27.58 -18.90
N THR A 507 7.23 -26.89 -18.35
CA THR A 507 6.00 -27.44 -17.82
C THR A 507 4.82 -26.98 -18.67
N LEU A 508 3.91 -27.88 -19.04
CA LEU A 508 2.67 -27.58 -19.77
C LEU A 508 1.47 -27.97 -18.91
N GLU A 509 0.57 -27.03 -18.66
CA GLU A 509 -0.53 -27.16 -17.71
C GLU A 509 -1.89 -26.90 -18.39
N PRO A 510 -2.47 -27.88 -19.09
CA PRO A 510 -3.79 -27.75 -19.67
C PRO A 510 -4.89 -27.86 -18.61
N ARG A 511 -5.89 -26.98 -18.72
CA ARG A 511 -7.07 -26.96 -17.84
C ARG A 511 -8.33 -26.89 -18.68
N ALA A 512 -9.33 -27.67 -18.33
CA ALA A 512 -10.66 -27.60 -18.90
C ALA A 512 -11.70 -27.61 -17.78
N GLN A 513 -12.72 -26.77 -17.88
CA GLN A 513 -13.82 -26.73 -16.92
C GLN A 513 -15.16 -26.70 -17.64
N TYR A 514 -16.12 -27.48 -17.17
CA TYR A 514 -17.53 -27.39 -17.56
C TYR A 514 -18.33 -26.75 -16.45
N LEU A 515 -19.23 -25.84 -16.81
CA LEU A 515 -20.11 -25.12 -15.89
C LEU A 515 -21.55 -25.12 -16.40
N TYR A 516 -22.50 -25.42 -15.51
CA TYR A 516 -23.92 -25.36 -15.76
C TYR A 516 -24.69 -24.57 -14.69
N VAL A 517 -25.56 -23.66 -15.15
CA VAL A 517 -26.53 -22.89 -14.37
C VAL A 517 -27.75 -22.66 -15.27
N PRO A 518 -28.95 -23.17 -14.93
CA PRO A 518 -30.15 -22.96 -15.74
C PRO A 518 -30.65 -21.52 -15.66
N TYR A 519 -31.35 -21.07 -16.69
CA TYR A 519 -31.91 -19.72 -16.75
C TYR A 519 -32.98 -19.47 -15.68
N ARG A 520 -32.97 -18.25 -15.12
CA ARG A 520 -34.07 -17.64 -14.40
C ARG A 520 -34.25 -16.22 -14.91
N ASP A 521 -35.48 -15.79 -15.14
CA ASP A 521 -35.75 -14.38 -15.38
C ASP A 521 -35.57 -13.62 -14.06
N GLN A 522 -34.85 -12.51 -14.10
CA GLN A 522 -34.46 -11.68 -12.96
C GLN A 522 -34.73 -10.19 -13.25
N SER A 523 -35.43 -9.88 -14.33
CA SER A 523 -35.81 -8.52 -14.72
C SER A 523 -36.80 -7.88 -13.75
N ASP A 524 -37.43 -8.67 -12.89
CA ASP A 524 -38.25 -8.28 -11.75
C ASP A 524 -37.45 -7.95 -10.47
N ILE A 525 -36.14 -8.19 -10.45
CA ILE A 525 -35.19 -7.78 -9.42
C ILE A 525 -34.40 -6.58 -9.94
N TYR A 526 -34.33 -5.49 -9.20
CA TYR A 526 -33.45 -4.38 -9.54
C TYR A 526 -31.98 -4.75 -9.32
N ASN A 527 -31.06 -4.28 -10.16
CA ASN A 527 -29.63 -4.53 -10.00
C ASN A 527 -29.01 -3.55 -9.00
N TYR A 528 -28.93 -3.92 -7.73
CA TYR A 528 -28.32 -3.13 -6.67
C TYR A 528 -26.79 -3.33 -6.59
N ASP A 529 -26.28 -4.53 -6.90
CA ASP A 529 -24.88 -4.91 -6.57
C ASP A 529 -24.05 -5.57 -7.68
N SER A 530 -24.59 -5.81 -8.87
CA SER A 530 -24.00 -6.74 -9.83
C SER A 530 -23.40 -6.04 -11.07
N SER A 531 -22.10 -5.76 -11.00
CA SER A 531 -21.29 -5.28 -12.12
C SER A 531 -20.88 -6.41 -13.05
N LEU A 532 -20.71 -6.14 -14.34
CA LEU A 532 -20.19 -7.10 -15.31
C LEU A 532 -18.66 -7.25 -15.12
N LEU A 533 -18.20 -8.46 -14.77
CA LEU A 533 -16.80 -8.75 -14.47
C LEU A 533 -15.91 -8.77 -15.73
N GLN A 534 -14.60 -8.62 -15.53
CA GLN A 534 -13.60 -8.59 -16.61
C GLN A 534 -12.89 -9.94 -16.78
N SER A 535 -12.85 -10.47 -18.00
CA SER A 535 -12.30 -11.80 -18.32
C SER A 535 -10.78 -11.76 -18.56
N ASP A 536 -10.01 -11.67 -17.49
CA ASP A 536 -8.59 -12.07 -17.49
C ASP A 536 -8.45 -13.60 -17.66
N TYR A 537 -7.25 -14.15 -17.89
CA TYR A 537 -7.08 -15.59 -18.05
C TYR A 537 -7.59 -16.41 -16.85
N SER A 538 -7.31 -16.01 -15.61
CA SER A 538 -7.83 -16.71 -14.43
C SER A 538 -9.35 -16.56 -14.30
N GLY A 539 -9.86 -15.41 -14.74
CA GLY A 539 -11.27 -15.08 -14.86
C GLY A 539 -12.04 -15.95 -15.84
N LEU A 540 -11.39 -16.60 -16.81
CA LEU A 540 -12.04 -17.55 -17.71
C LEU A 540 -12.61 -18.77 -16.97
N PHE A 541 -12.24 -18.99 -15.71
CA PHE A 541 -12.63 -20.14 -14.90
C PHE A 541 -13.56 -19.77 -13.72
N ARG A 542 -14.10 -18.54 -13.67
CA ARG A 542 -15.17 -18.16 -12.72
C ARG A 542 -16.47 -18.90 -12.97
N ASP A 543 -17.19 -19.18 -11.89
CA ASP A 543 -18.59 -19.60 -11.91
C ASP A 543 -19.59 -18.42 -11.97
N ARG A 544 -19.10 -17.18 -12.12
CA ARG A 544 -19.88 -15.94 -12.09
C ARG A 544 -19.49 -14.97 -13.21
N THR A 545 -20.49 -14.42 -13.91
CA THR A 545 -20.33 -13.33 -14.90
C THR A 545 -20.46 -11.95 -14.25
N TYR A 546 -21.18 -11.84 -13.13
CA TYR A 546 -21.41 -10.59 -12.42
C TYR A 546 -20.92 -10.66 -10.97
N GLY A 547 -20.50 -9.53 -10.40
CA GLY A 547 -19.74 -9.49 -9.15
C GLY A 547 -20.52 -9.56 -7.84
N GLY A 548 -21.85 -9.58 -7.90
CA GLY A 548 -22.74 -9.59 -6.75
C GLY A 548 -23.70 -10.78 -6.76
N LEU A 549 -24.96 -10.57 -6.41
CA LEU A 549 -26.00 -11.61 -6.42
C LEU A 549 -27.32 -11.18 -7.09
N ASP A 550 -27.46 -9.93 -7.54
CA ASP A 550 -28.65 -9.46 -8.27
C ASP A 550 -28.75 -9.93 -9.72
N ARG A 551 -27.64 -10.30 -10.34
CA ARG A 551 -27.61 -10.95 -11.65
C ARG A 551 -26.77 -12.21 -11.59
N ILE A 552 -27.39 -13.35 -11.83
CA ILE A 552 -26.68 -14.61 -12.09
C ILE A 552 -27.11 -15.09 -13.47
N ALA A 553 -26.20 -15.04 -14.44
CA ALA A 553 -26.45 -15.45 -15.80
C ALA A 553 -26.62 -16.97 -15.90
N SER A 554 -27.38 -17.43 -16.88
CA SER A 554 -27.29 -18.83 -17.30
C SER A 554 -25.86 -19.15 -17.72
N ALA A 555 -25.45 -20.38 -17.46
CA ALA A 555 -24.18 -20.92 -17.89
C ALA A 555 -24.45 -22.28 -18.51
N ASN A 556 -23.87 -22.53 -19.67
CA ASN A 556 -23.78 -23.83 -20.28
C ASN A 556 -22.54 -23.80 -21.16
N GLN A 557 -21.37 -24.00 -20.58
CA GLN A 557 -20.10 -23.64 -21.22
C GLN A 557 -18.95 -24.57 -20.83
N VAL A 558 -18.03 -24.79 -21.77
CA VAL A 558 -16.69 -25.31 -21.49
C VAL A 558 -15.70 -24.17 -21.66
N THR A 559 -14.90 -23.94 -20.65
CA THR A 559 -13.74 -23.07 -20.69
C THR A 559 -12.48 -23.92 -20.76
N THR A 560 -11.60 -23.62 -21.70
CA THR A 560 -10.37 -24.39 -21.96
C THR A 560 -9.19 -23.44 -21.99
N GLY A 561 -8.09 -23.80 -21.35
CA GLY A 561 -6.85 -23.03 -21.39
C GLY A 561 -5.61 -23.87 -21.23
N VAL A 562 -4.46 -23.29 -21.54
CA VAL A 562 -3.15 -23.87 -21.27
C VAL A 562 -2.20 -22.81 -20.74
N THR A 563 -1.47 -23.14 -19.69
CA THR A 563 -0.30 -22.39 -19.22
C THR A 563 0.96 -23.19 -19.52
N SER A 564 2.02 -22.57 -20.00
CA SER A 564 3.36 -23.18 -19.99
C SER A 564 4.35 -22.33 -19.21
N ARG A 565 5.24 -22.98 -18.47
CA ARG A 565 6.28 -22.35 -17.64
C ARG A 565 7.65 -22.90 -17.97
N ILE A 566 8.68 -22.07 -17.97
CA ILE A 566 10.07 -22.49 -18.07
C ILE A 566 10.74 -22.26 -16.72
N TYR A 567 11.37 -23.30 -16.19
CA TYR A 567 12.18 -23.30 -14.99
C TYR A 567 13.65 -23.50 -15.31
N ASP A 568 14.54 -22.76 -14.65
CA ASP A 568 15.98 -22.95 -14.80
C ASP A 568 16.54 -24.08 -13.91
N ASP A 569 17.85 -24.29 -13.92
CA ASP A 569 18.50 -25.33 -13.13
C ASP A 569 18.40 -25.12 -11.60
N ALA A 570 18.05 -23.91 -11.14
CA ALA A 570 17.73 -23.64 -9.74
C ALA A 570 16.26 -23.89 -9.37
N ALA A 571 15.45 -24.40 -10.31
CA ALA A 571 14.01 -24.54 -10.21
C ALA A 571 13.25 -23.21 -9.97
N VAL A 572 13.83 -22.07 -10.33
CA VAL A 572 13.15 -20.77 -10.34
C VAL A 572 12.34 -20.63 -11.64
N GLU A 573 11.09 -20.16 -11.54
CA GLU A 573 10.24 -19.89 -12.71
C GLU A 573 10.74 -18.64 -13.44
N ARG A 574 11.31 -18.81 -14.65
CA ARG A 574 11.87 -17.70 -15.42
C ARG A 574 10.87 -17.08 -16.38
N PHE A 575 9.98 -17.88 -16.93
CA PHE A 575 9.00 -17.44 -17.92
C PHE A 575 7.69 -18.20 -17.74
N ASN A 576 6.57 -17.54 -17.98
CA ASN A 576 5.30 -18.20 -18.22
C ASN A 576 4.47 -17.50 -19.30
N ILE A 577 3.60 -18.27 -19.94
CA ILE A 577 2.57 -17.80 -20.84
C ILE A 577 1.31 -18.63 -20.64
N SER A 578 0.14 -17.99 -20.67
CA SER A 578 -1.17 -18.63 -20.57
C SER A 578 -2.08 -18.14 -21.68
N VAL A 579 -2.82 -19.04 -22.32
CA VAL A 579 -3.81 -18.76 -23.37
C VAL A 579 -5.06 -19.59 -23.13
N GLY A 580 -6.26 -19.00 -23.21
CA GLY A 580 -7.50 -19.72 -23.01
C GLY A 580 -8.73 -19.07 -23.61
N GLN A 581 -9.82 -19.83 -23.65
CA GLN A 581 -11.06 -19.46 -24.32
C GLN A 581 -12.31 -20.06 -23.67
N ILE A 582 -13.45 -19.39 -23.78
CA ILE A 582 -14.76 -19.90 -23.34
C ILE A 582 -15.62 -20.22 -24.55
N TYR A 583 -16.11 -21.45 -24.61
CA TYR A 583 -17.09 -21.92 -25.59
C TYR A 583 -18.45 -22.07 -24.94
N TYR A 584 -19.45 -21.35 -25.47
CA TYR A 584 -20.80 -21.31 -24.93
C TYR A 584 -21.73 -22.21 -25.77
N PHE A 585 -22.44 -23.13 -25.12
CA PHE A 585 -23.41 -24.03 -25.74
C PHE A 585 -24.84 -23.47 -25.80
N THR A 586 -25.11 -22.43 -25.01
CA THR A 586 -26.38 -21.69 -24.96
C THR A 586 -26.04 -20.24 -24.67
N GLU A 587 -26.87 -19.29 -25.11
CA GLU A 587 -26.73 -17.88 -24.76
C GLU A 587 -26.60 -17.71 -23.24
N SER A 588 -25.52 -17.11 -22.77
CA SER A 588 -25.40 -16.74 -21.36
C SER A 588 -26.23 -15.48 -21.13
N ARG A 589 -27.37 -15.63 -20.47
CA ARG A 589 -28.36 -14.57 -20.28
C ARG A 589 -28.87 -14.49 -18.86
N THR A 590 -29.01 -13.26 -18.38
CA THR A 590 -30.01 -12.91 -17.36
C THR A 590 -31.19 -12.31 -18.11
N GLY A 591 -32.39 -12.27 -17.54
CA GLY A 591 -33.55 -11.71 -18.27
C GLY A 591 -33.44 -10.23 -18.63
N ASP A 592 -32.49 -9.53 -18.03
CA ASP A 592 -32.15 -8.12 -18.24
C ASP A 592 -30.98 -7.97 -19.25
N ASP A 593 -31.20 -8.41 -20.49
CA ASP A 593 -30.17 -8.58 -21.54
C ASP A 593 -29.69 -7.27 -22.22
N ASN A 594 -29.80 -6.13 -21.54
CA ASN A 594 -29.62 -4.77 -22.10
C ASN A 594 -28.15 -4.38 -22.32
N ILE A 595 -27.47 -5.04 -23.27
CA ILE A 595 -26.11 -4.73 -23.75
C ILE A 595 -26.11 -4.66 -25.28
N THR A 596 -25.37 -3.70 -25.87
CA THR A 596 -25.37 -3.46 -27.33
C THR A 596 -24.69 -4.58 -28.13
N TRP A 597 -23.40 -4.84 -27.86
CA TRP A 597 -22.50 -5.65 -28.72
C TRP A 597 -22.38 -5.10 -30.16
N GLU A 598 -21.46 -5.65 -30.97
CA GLU A 598 -21.32 -5.35 -32.41
C GLU A 598 -21.73 -6.53 -33.31
N ASN A 599 -21.79 -7.77 -32.79
CA ASN A 599 -22.31 -8.95 -33.48
C ASN A 599 -23.48 -9.57 -32.70
N ASP A 600 -24.47 -10.12 -33.41
CA ASP A 600 -25.63 -10.81 -32.81
C ASP A 600 -25.33 -12.27 -32.37
N ASP A 601 -24.11 -12.76 -32.60
CA ASP A 601 -23.70 -14.13 -32.26
C ASP A 601 -23.53 -14.36 -30.75
N LYS A 602 -24.14 -15.42 -30.22
CA LYS A 602 -24.27 -15.70 -28.77
C LYS A 602 -23.97 -17.16 -28.42
N THR A 603 -23.15 -17.84 -29.21
CA THR A 603 -22.77 -19.26 -29.07
C THR A 603 -21.40 -19.49 -29.71
N GLY A 604 -20.70 -20.54 -29.30
CA GLY A 604 -19.34 -20.82 -29.80
C GLY A 604 -18.24 -20.17 -28.97
N SER A 605 -17.02 -20.12 -29.52
CA SER A 605 -15.82 -19.64 -28.84
C SER A 605 -15.71 -18.11 -28.88
N LEU A 606 -16.49 -17.44 -28.02
CA LEU A 606 -16.66 -16.00 -28.07
C LEU A 606 -15.56 -15.22 -27.36
N VAL A 607 -15.07 -15.72 -26.23
CA VAL A 607 -14.13 -15.00 -25.36
C VAL A 607 -12.78 -15.71 -25.37
N TRP A 608 -11.71 -14.97 -25.63
CA TRP A 608 -10.32 -15.43 -25.55
C TRP A 608 -9.53 -14.49 -24.65
N ALA A 609 -8.61 -15.02 -23.85
CA ALA A 609 -7.70 -14.22 -23.05
C ALA A 609 -6.34 -14.89 -22.86
N GLY A 610 -5.31 -14.10 -22.61
CA GLY A 610 -3.96 -14.59 -22.36
C GLY A 610 -3.12 -13.64 -21.55
N ASP A 611 -2.09 -14.16 -20.90
CA ASP A 611 -1.16 -13.44 -20.03
C ASP A 611 0.25 -14.03 -20.13
N THR A 612 1.28 -13.24 -19.88
CA THR A 612 2.67 -13.68 -19.81
C THR A 612 3.49 -12.86 -18.81
N TYR A 613 4.52 -13.48 -18.24
CA TYR A 613 5.58 -12.83 -17.47
C TYR A 613 6.93 -13.44 -17.85
N TRP A 614 7.95 -12.60 -18.07
CA TRP A 614 9.33 -13.00 -18.27
C TRP A 614 10.24 -12.30 -17.26
N ARG A 615 10.87 -13.06 -16.38
CA ARG A 615 11.97 -12.64 -15.49
C ARG A 615 13.29 -12.82 -16.25
N ILE A 616 13.56 -11.88 -17.16
CA ILE A 616 14.75 -11.84 -18.03
C ILE A 616 16.03 -11.87 -17.18
N SER A 617 16.10 -11.05 -16.14
CA SER A 617 17.14 -11.12 -15.11
C SER A 617 16.56 -10.66 -13.76
N GLU A 618 17.39 -10.51 -12.72
CA GLU A 618 16.96 -9.90 -11.46
C GLU A 618 16.58 -8.42 -11.64
N ARG A 619 17.01 -7.78 -12.73
CA ARG A 619 16.85 -6.34 -13.02
C ARG A 619 15.84 -6.05 -14.12
N TRP A 620 15.71 -6.92 -15.12
CA TRP A 620 14.78 -6.81 -16.24
C TRP A 620 13.55 -7.72 -16.07
N GLY A 621 12.35 -7.18 -16.29
CA GLY A 621 11.11 -7.94 -16.28
C GLY A 621 10.07 -7.40 -17.25
N LEU A 622 9.40 -8.30 -17.96
CA LEU A 622 8.40 -8.03 -19.00
C LEU A 622 7.06 -8.69 -18.64
N ARG A 623 5.96 -7.93 -18.68
CA ARG A 623 4.59 -8.40 -18.46
C ARG A 623 3.69 -8.04 -19.62
N GLY A 624 2.68 -8.85 -19.87
CA GLY A 624 1.68 -8.63 -20.91
C GLY A 624 0.38 -9.38 -20.65
N GLY A 625 -0.74 -8.83 -21.08
CA GLY A 625 -2.08 -9.40 -20.99
C GLY A 625 -2.99 -8.93 -22.12
N ILE A 626 -3.86 -9.81 -22.61
CA ILE A 626 -4.78 -9.57 -23.73
C ILE A 626 -6.13 -10.25 -23.50
N GLN A 627 -7.21 -9.62 -23.93
CA GLN A 627 -8.57 -10.15 -23.98
C GLN A 627 -9.17 -9.83 -25.36
N TYR A 628 -9.84 -10.78 -26.00
CA TYR A 628 -10.51 -10.63 -27.29
C TYR A 628 -11.95 -11.15 -27.18
N ASP A 629 -12.91 -10.47 -27.79
CA ASP A 629 -14.33 -10.86 -27.71
C ASP A 629 -15.00 -10.77 -29.08
N THR A 630 -15.41 -11.90 -29.62
CA THR A 630 -16.03 -12.03 -30.94
C THR A 630 -17.40 -11.33 -31.02
N ARG A 631 -18.04 -11.02 -29.87
CA ARG A 631 -19.23 -10.18 -29.80
C ARG A 631 -18.94 -8.70 -30.07
N LEU A 632 -17.68 -8.27 -29.91
CA LEU A 632 -17.18 -6.92 -30.19
C LEU A 632 -16.38 -6.83 -31.50
N ASP A 633 -16.08 -7.96 -32.15
CA ASP A 633 -15.20 -8.12 -33.31
C ASP A 633 -13.76 -7.60 -33.13
N ASN A 634 -13.29 -7.45 -31.89
CA ASN A 634 -12.08 -6.68 -31.55
C ASN A 634 -11.35 -7.24 -30.31
N VAL A 635 -10.08 -6.85 -30.17
CA VAL A 635 -9.36 -6.89 -28.89
C VAL A 635 -10.13 -6.00 -27.90
N ALA A 636 -10.56 -6.56 -26.79
CA ALA A 636 -11.39 -5.88 -25.80
C ALA A 636 -10.55 -5.01 -24.87
N THR A 637 -9.52 -5.58 -24.26
CA THR A 637 -8.56 -4.91 -23.39
C THR A 637 -7.19 -5.55 -23.56
N SER A 638 -6.14 -4.77 -23.35
CA SER A 638 -4.77 -5.28 -23.29
C SER A 638 -3.90 -4.38 -22.42
N ASN A 639 -2.86 -4.94 -21.80
CA ASN A 639 -1.84 -4.15 -21.11
C ASN A 639 -0.47 -4.83 -21.23
N SER A 640 0.59 -4.04 -21.19
CA SER A 640 1.98 -4.50 -21.22
C SER A 640 2.86 -3.59 -20.37
N SER A 641 3.94 -4.12 -19.81
CA SER A 641 5.06 -3.32 -19.33
C SER A 641 6.39 -4.04 -19.54
N ILE A 642 7.43 -3.27 -19.78
CA ILE A 642 8.82 -3.69 -19.65
C ILE A 642 9.48 -2.77 -18.63
N GLU A 643 10.25 -3.34 -17.71
CA GLU A 643 10.89 -2.62 -16.64
C GLU A 643 12.33 -3.05 -16.43
N TYR A 644 13.18 -2.07 -16.16
CA TYR A 644 14.54 -2.22 -15.68
C TYR A 644 14.68 -1.50 -14.34
N ARG A 645 15.08 -2.20 -13.29
CA ARG A 645 15.50 -1.60 -12.02
C ARG A 645 16.89 -2.13 -11.63
N ARG A 646 17.88 -1.27 -11.40
CA ARG A 646 19.13 -1.69 -10.71
C ARG A 646 18.96 -1.68 -9.20
N ASP A 647 18.40 -0.60 -8.69
CA ASP A 647 18.24 -0.29 -7.28
C ASP A 647 17.05 0.67 -7.09
N GLU A 648 16.72 1.02 -5.86
CA GLU A 648 15.59 1.89 -5.51
C GLU A 648 15.59 3.28 -6.19
N ASP A 649 16.71 3.74 -6.74
CA ASP A 649 16.86 5.06 -7.35
C ASP A 649 17.13 5.00 -8.87
N ARG A 650 17.64 3.89 -9.38
CA ARG A 650 17.91 3.64 -10.81
C ARG A 650 16.86 2.71 -11.41
N LEU A 651 15.92 3.24 -12.19
CA LEU A 651 14.94 2.46 -12.95
C LEU A 651 14.41 3.14 -14.20
N VAL A 652 13.95 2.34 -15.16
CA VAL A 652 13.18 2.73 -16.35
C VAL A 652 12.01 1.76 -16.54
N GLN A 653 10.81 2.25 -16.78
CA GLN A 653 9.63 1.46 -17.13
C GLN A 653 8.94 2.03 -18.36
N LEU A 654 8.62 1.20 -19.34
CA LEU A 654 7.74 1.51 -20.46
C LEU A 654 6.49 0.64 -20.31
N ASN A 655 5.31 1.21 -20.45
CA ASN A 655 4.05 0.50 -20.31
C ASN A 655 3.02 0.95 -21.35
N TYR A 656 2.05 0.10 -21.65
CA TYR A 656 0.95 0.38 -22.55
C TYR A 656 -0.35 -0.17 -21.99
N ARG A 657 -1.44 0.58 -22.11
CA ARG A 657 -2.79 0.13 -21.77
C ARG A 657 -3.77 0.43 -22.89
N TYR A 658 -4.65 -0.53 -23.17
CA TYR A 658 -5.67 -0.44 -24.21
C TYR A 658 -7.01 -0.94 -23.71
N ALA A 659 -8.07 -0.22 -24.08
CA ALA A 659 -9.46 -0.69 -24.01
C ALA A 659 -10.21 -0.23 -25.26
N SER A 660 -10.97 -1.13 -25.86
CA SER A 660 -11.67 -0.88 -27.12
C SER A 660 -12.88 0.04 -26.92
N PRO A 661 -13.22 0.90 -27.90
CA PRO A 661 -14.48 1.63 -27.90
C PRO A 661 -15.72 0.74 -27.68
N GLU A 662 -15.70 -0.45 -28.24
CA GLU A 662 -16.76 -1.44 -28.13
C GLU A 662 -16.82 -2.05 -26.72
N TYR A 663 -15.70 -2.18 -26.03
CA TYR A 663 -15.67 -2.62 -24.64
C TYR A 663 -16.27 -1.58 -23.69
N ILE A 664 -16.06 -0.29 -23.96
CA ILE A 664 -16.72 0.80 -23.23
C ILE A 664 -18.24 0.78 -23.43
N GLN A 665 -18.75 0.53 -24.64
CA GLN A 665 -20.19 0.34 -24.84
C GLN A 665 -20.74 -0.81 -23.99
N ALA A 666 -20.07 -1.95 -23.99
CA ALA A 666 -20.58 -3.17 -23.41
C ALA A 666 -20.61 -3.17 -21.87
N THR A 667 -19.74 -2.41 -21.21
CA THR A 667 -19.45 -2.60 -19.77
C THR A 667 -19.63 -1.37 -18.89
N LEU A 668 -19.92 -0.19 -19.44
CA LEU A 668 -20.00 1.09 -18.71
C LEU A 668 -21.30 1.85 -19.03
N PRO A 669 -21.69 2.89 -18.27
CA PRO A 669 -22.95 3.59 -18.46
C PRO A 669 -23.19 4.02 -19.89
N LYS A 670 -24.43 3.91 -20.39
CA LYS A 670 -24.73 4.04 -21.81
C LYS A 670 -24.19 5.32 -22.45
N TYR A 671 -24.23 6.44 -21.73
CA TYR A 671 -23.73 7.73 -22.21
C TYR A 671 -22.21 7.80 -22.43
N TYR A 672 -21.41 6.89 -21.88
CA TYR A 672 -19.99 6.80 -22.19
C TYR A 672 -19.77 6.53 -23.68
N SER A 673 -20.73 5.89 -24.34
CA SER A 673 -20.69 5.58 -25.78
C SER A 673 -20.86 6.82 -26.67
N THR A 674 -21.39 7.90 -26.12
CA THR A 674 -21.74 9.14 -26.84
C THR A 674 -20.78 10.28 -26.52
N ALA A 675 -20.37 10.39 -25.26
CA ALA A 675 -19.48 11.44 -24.78
C ALA A 675 -18.05 11.28 -25.34
N GLU A 676 -17.51 12.34 -25.93
CA GLU A 676 -16.21 12.31 -26.61
C GLU A 676 -15.05 11.92 -25.68
N GLN A 677 -15.11 12.33 -24.41
CA GLN A 677 -14.08 12.02 -23.43
C GLN A 677 -14.05 10.55 -22.98
N TYR A 678 -15.11 9.78 -23.19
CA TYR A 678 -15.21 8.38 -22.82
C TYR A 678 -15.21 7.43 -24.03
N LYS A 679 -15.89 7.79 -25.14
CA LYS A 679 -16.25 6.85 -26.21
C LYS A 679 -15.09 6.23 -26.97
N ASN A 680 -13.94 6.92 -26.98
CA ASN A 680 -12.75 6.51 -27.72
C ASN A 680 -11.95 5.37 -27.07
N GLY A 681 -12.40 4.85 -25.92
CA GLY A 681 -11.67 3.83 -25.18
C GLY A 681 -10.42 4.36 -24.50
N ILE A 682 -9.41 3.52 -24.38
CA ILE A 682 -8.07 3.86 -23.87
C ILE A 682 -7.04 3.35 -24.89
N SER A 683 -6.01 4.13 -25.20
CA SER A 683 -4.83 3.69 -25.95
C SER A 683 -3.61 4.48 -25.49
N GLN A 684 -3.15 4.17 -24.29
CA GLN A 684 -2.22 4.97 -23.51
C GLN A 684 -0.83 4.34 -23.48
N VAL A 685 0.19 5.09 -23.90
CA VAL A 685 1.60 4.71 -23.75
C VAL A 685 2.16 5.51 -22.59
N GLY A 686 2.87 4.87 -21.69
CA GLY A 686 3.55 5.50 -20.57
C GLY A 686 5.03 5.18 -20.54
N ALA A 687 5.84 6.15 -20.15
CA ALA A 687 7.24 5.97 -19.79
C ALA A 687 7.47 6.60 -18.43
N VAL A 688 8.17 5.90 -17.54
CA VAL A 688 8.54 6.35 -16.20
C VAL A 688 10.02 6.05 -15.99
N ALA A 689 10.80 6.98 -15.47
CA ALA A 689 12.24 6.76 -15.27
C ALA A 689 12.78 7.52 -14.06
N SER A 690 13.83 6.99 -13.45
CA SER A 690 14.61 7.61 -12.39
C SER A 690 16.09 7.28 -12.56
N TRP A 691 16.99 8.24 -12.36
CA TRP A 691 18.42 7.97 -12.29
C TRP A 691 19.17 8.96 -11.40
N PRO A 692 20.12 8.53 -10.55
CA PRO A 692 21.00 9.42 -9.80
C PRO A 692 22.11 10.03 -10.65
N ILE A 693 22.57 11.23 -10.29
CA ILE A 693 23.78 11.87 -10.82
C ILE A 693 24.64 12.38 -9.66
N ALA A 694 25.95 12.17 -9.74
CA ALA A 694 26.95 12.65 -8.79
C ALA A 694 26.65 12.34 -7.31
N ASP A 695 26.05 11.18 -7.04
CA ASP A 695 25.69 10.64 -5.71
C ASP A 695 24.75 11.52 -4.84
N ARG A 696 24.27 12.65 -5.36
CA ARG A 696 23.53 13.69 -4.63
C ARG A 696 22.29 14.21 -5.37
N TRP A 697 22.25 14.12 -6.69
CA TRP A 697 21.06 14.41 -7.50
C TRP A 697 20.27 13.14 -7.78
N SER A 698 18.94 13.19 -7.76
CA SER A 698 18.09 12.24 -8.47
C SER A 698 17.14 12.95 -9.41
N ILE A 699 17.08 12.49 -10.65
CA ILE A 699 16.21 12.99 -11.71
C ILE A 699 15.17 11.92 -12.00
N VAL A 700 13.90 12.28 -11.86
CA VAL A 700 12.73 11.42 -12.00
C VAL A 700 11.79 12.04 -13.00
N GLY A 701 11.16 11.25 -13.86
CA GLY A 701 10.15 11.75 -14.77
C GLY A 701 9.17 10.70 -15.25
N ALA A 702 8.01 11.14 -15.68
CA ALA A 702 6.95 10.30 -16.21
C ALA A 702 6.24 11.03 -17.35
N TYR A 703 5.77 10.29 -18.33
CA TYR A 703 5.06 10.83 -19.47
C TYR A 703 4.09 9.78 -20.00
N TYR A 704 2.80 10.09 -19.98
CA TYR A 704 1.73 9.26 -20.49
C TYR A 704 1.01 9.97 -21.64
N TYR A 705 0.76 9.26 -22.73
CA TYR A 705 0.25 9.81 -23.99
C TYR A 705 -0.94 9.01 -24.51
N ASP A 706 -2.03 9.68 -24.85
CA ASP A 706 -3.18 9.10 -25.53
C ASP A 706 -2.96 9.08 -27.04
N THR A 707 -2.79 7.88 -27.58
CA THR A 707 -2.50 7.60 -28.98
C THR A 707 -3.69 7.86 -29.90
N ASN A 708 -4.92 7.85 -29.39
CA ASN A 708 -6.10 8.18 -30.16
C ASN A 708 -6.30 9.69 -30.26
N ALA A 709 -6.10 10.42 -29.16
CA ALA A 709 -6.16 11.88 -29.14
C ALA A 709 -4.92 12.56 -29.76
N ASN A 710 -3.77 11.89 -29.74
CA ASN A 710 -2.43 12.45 -29.92
C ASN A 710 -2.11 13.59 -28.94
N LYS A 711 -2.42 13.39 -27.65
CA LYS A 711 -2.25 14.35 -26.57
C LYS A 711 -1.83 13.68 -25.25
N GLN A 712 -1.14 14.38 -24.36
CA GLN A 712 -0.67 13.82 -23.10
C GLN A 712 -1.82 13.62 -22.09
N ALA A 713 -1.74 12.54 -21.32
CA ALA A 713 -2.62 12.27 -20.19
C ALA A 713 -2.03 12.85 -18.88
N ASP A 714 -0.76 12.59 -18.64
CA ASP A 714 0.00 13.09 -17.51
C ASP A 714 1.46 13.25 -17.95
N SER A 715 2.13 14.29 -17.48
CA SER A 715 3.58 14.35 -17.50
C SER A 715 4.10 14.96 -16.21
N MET A 716 5.21 14.44 -15.72
CA MET A 716 5.80 14.79 -14.45
C MET A 716 7.32 14.78 -14.57
N LEU A 717 7.97 15.68 -13.85
CA LEU A 717 9.42 15.86 -13.89
C LEU A 717 9.88 16.37 -12.51
N GLY A 718 10.48 15.49 -11.75
CA GLY A 718 11.07 15.76 -10.45
C GLY A 718 12.59 15.80 -10.51
N VAL A 719 13.21 16.81 -9.93
CA VAL A 719 14.66 16.85 -9.68
C VAL A 719 14.90 17.15 -8.21
N GLN A 720 15.55 16.25 -7.48
CA GLN A 720 15.94 16.48 -6.09
C GLN A 720 17.45 16.52 -5.91
N TYR A 721 17.97 17.60 -5.34
CA TYR A 721 19.35 17.70 -4.88
C TYR A 721 19.41 17.52 -3.36
N SER A 722 20.18 16.55 -2.88
CA SER A 722 20.30 16.19 -1.48
C SER A 722 21.68 16.53 -0.93
N SER A 723 21.73 17.21 0.21
CA SER A 723 22.93 17.47 0.99
C SER A 723 22.75 16.94 2.42
N CYS A 724 23.74 17.13 3.28
CA CYS A 724 23.70 16.58 4.63
C CYS A 724 22.65 17.23 5.55
N CYS A 725 22.34 18.51 5.37
CA CYS A 725 21.40 19.23 6.22
C CYS A 725 20.19 19.83 5.49
N TYR A 726 20.13 19.78 4.16
CA TYR A 726 18.93 20.13 3.41
C TYR A 726 18.80 19.33 2.12
N ALA A 727 17.58 19.20 1.61
CA ALA A 727 17.33 18.79 0.24
C ALA A 727 16.35 19.76 -0.42
N ILE A 728 16.59 20.11 -1.67
CA ILE A 728 15.69 20.94 -2.49
C ILE A 728 15.14 20.08 -3.63
N ARG A 729 13.84 20.18 -3.90
CA ARG A 729 13.15 19.45 -4.96
C ARG A 729 12.40 20.41 -5.87
N VAL A 730 12.56 20.26 -7.18
CA VAL A 730 11.69 20.83 -8.20
C VAL A 730 10.75 19.72 -8.65
N GLY A 731 9.45 19.98 -8.70
CA GLY A 731 8.44 19.05 -9.18
C GLY A 731 7.49 19.74 -10.15
N TYR A 732 7.54 19.35 -11.41
CA TYR A 732 6.56 19.73 -12.43
C TYR A 732 5.55 18.60 -12.66
N GLU A 733 4.29 18.94 -12.83
CA GLU A 733 3.17 18.02 -13.02
C GLU A 733 2.13 18.68 -13.91
N ARG A 734 1.93 18.16 -15.12
CA ARG A 734 0.84 18.56 -16.04
C ARG A 734 -0.12 17.40 -16.25
N LYS A 735 -1.40 17.59 -15.95
CA LYS A 735 -2.41 16.51 -15.95
C LYS A 735 -3.72 16.94 -16.58
N LEU A 736 -4.42 15.98 -17.18
CA LEU A 736 -5.84 16.11 -17.49
C LEU A 736 -6.62 16.32 -16.18
N ASN A 737 -7.48 17.32 -16.10
CA ASN A 737 -8.18 17.69 -14.87
C ASN A 737 -9.64 18.13 -15.09
N GLY A 738 -10.19 17.94 -16.28
CA GLY A 738 -11.58 18.23 -16.58
C GLY A 738 -11.91 18.21 -18.07
N TRP A 739 -13.13 18.60 -18.41
CA TRP A 739 -13.60 18.73 -19.78
C TRP A 739 -14.37 20.02 -19.99
N ASP A 740 -14.11 20.73 -21.08
CA ASP A 740 -14.83 21.95 -21.45
C ASP A 740 -16.01 21.61 -22.38
N ASN A 741 -17.20 21.41 -21.82
CA ASN A 741 -18.39 20.97 -22.57
C ASN A 741 -18.80 21.93 -23.71
N ASP A 742 -18.53 23.23 -23.57
CA ASP A 742 -18.90 24.25 -24.57
C ASP A 742 -18.00 24.22 -25.82
N LYS A 743 -16.82 23.58 -25.74
CA LYS A 743 -15.82 23.52 -26.83
C LYS A 743 -15.36 22.09 -27.16
N GLN A 744 -15.72 21.11 -26.34
CA GLN A 744 -15.38 19.69 -26.46
C GLN A 744 -13.88 19.41 -26.50
N HIS A 745 -13.14 19.86 -25.48
CA HIS A 745 -11.71 19.56 -25.31
C HIS A 745 -11.33 19.39 -23.83
N ALA A 746 -10.20 18.73 -23.59
CA ALA A 746 -9.68 18.48 -22.26
C ALA A 746 -9.15 19.76 -21.59
N VAL A 747 -9.36 19.85 -20.29
CA VAL A 747 -8.80 20.90 -19.43
C VAL A 747 -7.56 20.35 -18.74
N TYR A 748 -6.46 21.07 -18.80
CA TYR A 748 -5.20 20.71 -18.16
C TYR A 748 -4.93 21.56 -16.92
N ASP A 749 -4.41 20.93 -15.88
CA ASP A 749 -3.78 21.60 -14.74
C ASP A 749 -2.26 21.53 -14.87
N ASN A 750 -1.56 22.66 -14.72
CA ASN A 750 -0.10 22.71 -14.61
C ASN A 750 0.30 23.13 -13.19
N ALA A 751 1.03 22.28 -12.49
CA ALA A 751 1.72 22.64 -11.27
C ALA A 751 3.23 22.69 -11.54
N ILE A 752 3.84 23.86 -11.42
CA ILE A 752 5.29 24.06 -11.31
C ILE A 752 5.57 24.33 -9.85
N GLY A 753 6.26 23.42 -9.18
CA GLY A 753 6.53 23.47 -7.74
C GLY A 753 8.01 23.38 -7.38
N PHE A 754 8.39 24.02 -6.29
CA PHE A 754 9.71 24.00 -5.67
C PHE A 754 9.55 23.79 -4.16
N ASN A 755 10.35 22.92 -3.55
CA ASN A 755 10.20 22.47 -2.16
C ASN A 755 11.56 22.35 -1.47
N ILE A 756 11.63 22.66 -0.19
CA ILE A 756 12.83 22.52 0.64
C ILE A 756 12.48 21.74 1.90
N GLU A 757 13.32 20.79 2.27
CA GLU A 757 13.25 20.06 3.53
C GLU A 757 14.57 20.10 4.28
N LEU A 758 14.51 20.04 5.61
CA LEU A 758 15.68 19.87 6.48
C LEU A 758 16.13 18.40 6.49
N ARG A 759 17.42 18.15 6.73
CA ARG A 759 18.01 16.80 6.77
C ARG A 759 19.02 16.60 7.89
N GLY A 760 19.35 15.34 8.17
CA GLY A 760 20.20 14.92 9.29
C GLY A 760 19.52 14.96 10.67
N LEU A 761 18.27 15.42 10.72
CA LEU A 761 17.33 15.21 11.84
C LEU A 761 17.02 13.71 12.06
N SER A 762 17.33 12.87 11.09
CA SER A 762 17.17 11.41 11.09
C SER A 762 18.26 10.77 10.24
N SER A 763 18.38 9.43 10.26
CA SER A 763 19.36 8.67 9.48
C SER A 763 19.13 8.68 7.95
N ASN A 764 18.18 9.45 7.43
CA ASN A 764 17.80 9.48 6.02
C ASN A 764 18.82 10.20 5.12
N TYR A 765 19.47 9.46 4.22
CA TYR A 765 20.31 9.96 3.13
C TYR A 765 19.81 9.55 1.73
N GLY A 766 18.58 9.05 1.60
CA GLY A 766 18.01 8.61 0.33
C GLY A 766 17.61 9.78 -0.59
N LEU A 767 17.74 9.63 -1.90
CA LEU A 767 17.63 10.73 -2.87
C LEU A 767 16.18 11.08 -3.31
N GLY A 768 15.16 10.52 -2.66
CA GLY A 768 13.75 10.91 -2.82
C GLY A 768 12.99 10.27 -4.00
N THR A 769 13.58 9.30 -4.69
CA THR A 769 13.03 8.73 -5.93
C THR A 769 11.64 8.12 -5.74
N GLN A 770 11.44 7.26 -4.75
CA GLN A 770 10.19 6.51 -4.62
C GLN A 770 8.99 7.40 -4.23
N GLU A 771 9.24 8.52 -3.56
CA GLU A 771 8.25 9.56 -3.32
C GLU A 771 7.94 10.36 -4.60
N MET A 772 8.97 10.80 -5.33
CA MET A 772 8.77 11.53 -6.60
C MET A 772 8.00 10.69 -7.62
N LEU A 773 8.32 9.40 -7.75
CA LEU A 773 7.67 8.44 -8.64
C LEU A 773 6.19 8.20 -8.36
N ARG A 774 5.68 8.58 -7.18
CA ARG A 774 4.27 8.45 -6.82
C ARG A 774 3.58 9.78 -6.55
N SER A 775 4.16 10.87 -7.03
CA SER A 775 3.63 12.22 -6.85
C SER A 775 2.44 12.53 -7.78
N ASN A 776 2.39 11.92 -8.95
CA ASN A 776 1.46 12.22 -10.02
C ASN A 776 0.22 11.33 -10.00
N ILE A 777 -0.81 11.71 -10.76
CA ILE A 777 -1.82 10.75 -11.23
C ILE A 777 -1.10 9.73 -12.12
N LEU A 778 -1.60 8.50 -12.22
CA LEU A 778 -0.86 7.39 -12.85
C LEU A 778 0.48 7.08 -12.14
N PRO A 779 0.51 6.90 -10.81
CA PRO A 779 1.74 6.73 -10.05
C PRO A 779 2.44 5.40 -10.37
N TYR A 780 3.75 5.37 -10.18
CA TYR A 780 4.57 4.19 -10.42
C TYR A 780 4.18 3.00 -9.55
N GLN A 781 4.24 1.80 -10.14
CA GLN A 781 4.20 0.52 -9.46
C GLN A 781 5.31 -0.39 -10.00
N ASN A 782 5.99 -1.15 -9.15
CA ASN A 782 7.03 -2.07 -9.54
C ASN A 782 6.46 -3.31 -10.24
N THR A 783 6.77 -3.49 -11.53
CA THR A 783 6.25 -4.58 -12.37
C THR A 783 7.23 -5.75 -12.54
N LEU A 784 8.34 -5.82 -11.79
CA LEU A 784 9.22 -6.99 -11.79
C LEU A 784 8.63 -8.19 -11.02
N CYS B 19 7.53 -36.05 -29.54
CA CYS B 19 6.91 -35.30 -28.44
C CYS B 19 7.96 -34.83 -27.42
N GLY B 20 8.46 -35.73 -26.57
CA GLY B 20 9.40 -35.44 -25.48
C GLY B 20 8.74 -35.28 -24.11
N TRP B 21 7.48 -34.83 -24.06
CA TRP B 21 6.70 -34.64 -22.85
C TRP B 21 6.41 -35.93 -22.09
N HIS B 22 6.30 -35.83 -20.77
CA HIS B 22 5.85 -36.88 -19.88
C HIS B 22 4.97 -36.33 -18.77
N LEU B 23 4.08 -37.15 -18.22
CA LEU B 23 3.27 -36.79 -17.06
C LEU B 23 4.18 -36.62 -15.85
N ARG B 24 4.02 -35.53 -15.11
CA ARG B 24 4.82 -35.23 -13.93
C ARG B 24 4.82 -36.38 -12.92
N ASP B 25 5.99 -36.93 -12.62
CA ASP B 25 6.16 -38.01 -11.63
C ASP B 25 6.37 -37.46 -10.22
N THR B 26 7.28 -36.50 -10.04
CA THR B 26 7.56 -35.87 -8.74
C THR B 26 6.46 -34.90 -8.34
N THR B 27 6.00 -34.96 -7.09
CA THR B 27 4.90 -34.10 -6.62
C THR B 27 5.30 -32.62 -6.57
N GLN B 28 4.34 -31.70 -6.73
CA GLN B 28 4.58 -30.26 -6.76
C GLN B 28 5.20 -29.71 -5.45
N VAL B 29 4.67 -30.12 -4.30
CA VAL B 29 5.34 -29.94 -3.01
C VAL B 29 6.42 -31.02 -2.88
N PRO B 30 7.68 -30.70 -2.59
CA PRO B 30 8.73 -31.71 -2.45
C PRO B 30 8.46 -32.65 -1.27
N SER B 31 8.91 -33.89 -1.38
CA SER B 31 8.64 -34.96 -0.41
C SER B 31 9.12 -34.68 1.01
N THR B 32 10.15 -33.87 1.19
CA THR B 32 10.63 -33.41 2.50
C THR B 32 9.62 -32.50 3.23
N MET B 33 8.64 -31.95 2.51
CA MET B 33 7.61 -31.02 2.99
C MET B 33 6.19 -31.61 2.93
N LYS B 34 6.03 -32.92 2.73
CA LYS B 34 4.73 -33.63 2.77
C LYS B 34 4.09 -33.64 4.16
N VAL B 35 4.87 -33.48 5.21
CA VAL B 35 4.42 -32.98 6.51
C VAL B 35 5.10 -31.63 6.75
N MET B 36 4.36 -30.59 7.06
CA MET B 36 4.94 -29.28 7.41
C MET B 36 4.04 -28.49 8.36
N ILE B 37 4.59 -27.42 8.93
CA ILE B 37 3.90 -26.54 9.89
C ILE B 37 3.54 -25.23 9.20
N LEU B 38 2.29 -24.78 9.35
CA LEU B 38 1.85 -23.47 8.88
C LEU B 38 1.74 -22.49 10.05
N ASP B 39 2.50 -21.41 10.01
CA ASP B 39 2.61 -20.39 11.05
C ASP B 39 2.20 -19.03 10.48
N SER B 40 1.32 -18.30 11.17
CA SER B 40 0.83 -17.01 10.71
C SER B 40 0.45 -16.12 11.89
N GLY B 41 0.55 -14.80 11.74
CA GLY B 41 -0.04 -13.84 12.70
C GLY B 41 -1.57 -13.79 12.65
N ASP B 42 -2.16 -14.33 11.58
CA ASP B 42 -3.61 -14.40 11.37
C ASP B 42 -4.00 -15.75 10.75
N PRO B 43 -4.08 -16.84 11.55
CA PRO B 43 -4.35 -18.18 11.03
C PRO B 43 -5.78 -18.39 10.54
N ASN B 44 -6.72 -17.52 10.94
CA ASN B 44 -8.14 -17.59 10.57
C ASN B 44 -8.48 -16.75 9.32
N GLY B 45 -7.62 -15.82 8.94
CA GLY B 45 -7.80 -14.87 7.84
C GLY B 45 -7.53 -15.40 6.43
N PRO B 46 -7.66 -14.53 5.39
CA PRO B 46 -7.79 -14.95 4.00
C PRO B 46 -6.57 -15.67 3.43
N LEU B 47 -5.35 -15.15 3.64
CA LEU B 47 -4.14 -15.76 3.10
C LEU B 47 -3.92 -17.14 3.71
N SER B 48 -4.06 -17.26 5.03
CA SER B 48 -3.89 -18.53 5.73
C SER B 48 -4.90 -19.56 5.23
N ARG B 49 -6.15 -19.18 4.98
CA ARG B 49 -7.16 -20.05 4.36
C ARG B 49 -6.81 -20.45 2.93
N ALA B 50 -6.33 -19.53 2.10
CA ALA B 50 -5.91 -19.82 0.74
C ALA B 50 -4.70 -20.78 0.70
N VAL B 51 -3.67 -20.49 1.50
CA VAL B 51 -2.47 -21.32 1.63
C VAL B 51 -2.81 -22.71 2.18
N ARG B 52 -3.62 -22.81 3.24
CA ARG B 52 -4.03 -24.08 3.82
C ARG B 52 -4.80 -24.97 2.84
N ASN B 53 -5.68 -24.39 2.01
CA ASN B 53 -6.38 -25.15 0.96
C ASN B 53 -5.44 -25.62 -0.14
N GLN B 54 -4.52 -24.75 -0.59
CA GLN B 54 -3.50 -25.10 -1.58
C GLN B 54 -2.58 -26.23 -1.10
N LEU B 55 -2.19 -26.22 0.17
CA LEU B 55 -1.41 -27.30 0.78
C LEU B 55 -2.17 -28.62 0.84
N ARG B 56 -3.44 -28.61 1.25
CA ARG B 56 -4.28 -29.80 1.35
C ARG B 56 -4.60 -30.44 -0.01
N LEU B 57 -4.78 -29.65 -1.07
CA LEU B 57 -4.96 -30.19 -2.43
C LEU B 57 -3.73 -30.95 -2.95
N ASN B 58 -2.53 -30.56 -2.48
CA ASN B 58 -1.27 -31.26 -2.73
C ASN B 58 -0.98 -32.42 -1.76
N GLY B 59 -1.93 -32.78 -0.89
CA GLY B 59 -1.82 -33.90 0.04
C GLY B 59 -0.88 -33.65 1.23
N VAL B 60 -0.55 -32.40 1.54
CA VAL B 60 0.30 -32.05 2.69
C VAL B 60 -0.44 -32.27 4.00
N GLU B 61 0.19 -32.94 4.96
CA GLU B 61 -0.26 -32.98 6.36
C GLU B 61 0.27 -31.77 7.11
N LEU B 62 -0.63 -30.98 7.71
CA LEU B 62 -0.27 -29.79 8.46
C LEU B 62 -0.40 -30.02 9.96
N LEU B 63 0.67 -29.71 10.69
CA LEU B 63 0.75 -29.77 12.15
C LEU B 63 0.61 -28.38 12.78
N ASP B 64 0.21 -28.34 14.05
CA ASP B 64 0.09 -27.10 14.83
C ASP B 64 1.45 -26.42 15.10
N LYS B 65 1.42 -25.11 15.36
CA LYS B 65 2.62 -24.28 15.60
C LYS B 65 3.49 -24.78 16.76
N GLU B 66 2.86 -25.34 17.79
CA GLU B 66 3.55 -26.10 18.84
C GLU B 66 3.23 -27.59 18.68
N THR B 67 4.26 -28.41 18.50
CA THR B 67 4.15 -29.86 18.32
C THR B 67 5.38 -30.57 18.88
N THR B 68 5.26 -31.86 19.21
CA THR B 68 6.36 -32.66 19.77
C THR B 68 7.45 -32.99 18.77
N ARG B 69 7.16 -32.92 17.46
CA ARG B 69 8.16 -33.10 16.39
C ARG B 69 9.13 -31.92 16.30
N LYS B 70 10.38 -32.20 15.98
CA LYS B 70 11.48 -31.22 15.80
C LYS B 70 12.17 -31.28 14.44
N ASP B 71 11.73 -32.19 13.57
CA ASP B 71 12.30 -32.51 12.26
C ASP B 71 11.33 -32.18 11.09
N VAL B 72 10.37 -31.30 11.32
CA VAL B 72 9.33 -30.91 10.36
C VAL B 72 9.54 -29.44 9.92
N PRO B 73 9.61 -29.14 8.62
CA PRO B 73 9.79 -27.77 8.14
C PRO B 73 8.57 -26.91 8.40
N SER B 74 8.74 -25.59 8.40
CA SER B 74 7.64 -24.66 8.60
C SER B 74 7.60 -23.56 7.55
N LEU B 75 6.39 -23.20 7.13
CA LEU B 75 6.10 -22.03 6.31
C LEU B 75 5.50 -20.97 7.24
N ARG B 76 6.21 -19.85 7.39
CA ARG B 76 5.79 -18.72 8.20
C ARG B 76 5.32 -17.60 7.29
N LEU B 77 4.03 -17.29 7.34
CA LEU B 77 3.39 -16.27 6.55
C LEU B 77 3.60 -14.90 7.18
N GLY B 78 4.09 -13.95 6.39
CA GLY B 78 4.46 -12.61 6.82
C GLY B 78 3.45 -11.58 6.35
N LYS B 79 3.96 -10.38 6.04
CA LYS B 79 3.14 -9.25 5.61
C LYS B 79 2.49 -9.49 4.26
N VAL B 80 1.21 -9.13 4.18
CA VAL B 80 0.47 -8.91 2.93
C VAL B 80 0.27 -7.41 2.76
N SER B 81 0.64 -6.85 1.62
CA SER B 81 0.24 -5.51 1.21
C SER B 81 -0.61 -5.58 -0.06
N ILE B 82 -1.79 -4.96 -0.03
CA ILE B 82 -2.67 -4.76 -1.19
C ILE B 82 -2.68 -3.27 -1.48
N ALA B 83 -2.42 -2.88 -2.72
CA ALA B 83 -2.49 -1.48 -3.14
C ALA B 83 -3.29 -1.38 -4.44
N LYS B 84 -4.29 -0.51 -4.51
CA LYS B 84 -4.93 -0.09 -5.77
C LYS B 84 -4.56 1.34 -6.12
N ASP B 85 -4.09 1.53 -7.34
CA ASP B 85 -3.76 2.83 -7.92
C ASP B 85 -4.44 2.99 -9.27
N THR B 86 -4.72 4.22 -9.68
CA THR B 86 -5.22 4.46 -11.04
C THR B 86 -4.12 4.18 -12.04
N ALA B 87 -4.37 3.23 -12.93
CA ALA B 87 -3.47 2.82 -13.99
C ALA B 87 -3.75 3.53 -15.32
N SER B 88 -4.89 4.19 -15.46
CA SER B 88 -5.40 4.71 -16.73
C SER B 88 -6.46 5.78 -16.51
N VAL B 89 -6.56 6.77 -17.39
CA VAL B 89 -7.55 7.84 -17.31
C VAL B 89 -8.26 8.11 -18.63
N PHE B 90 -9.55 8.43 -18.56
CA PHE B 90 -10.30 8.97 -19.69
C PHE B 90 -9.83 10.39 -20.04
N ARG B 91 -10.26 10.95 -21.17
CA ARG B 91 -9.77 12.25 -21.66
C ARG B 91 -10.17 13.46 -20.80
N ASN B 92 -11.02 13.29 -19.79
CA ASN B 92 -11.27 14.28 -18.74
C ASN B 92 -10.38 14.12 -17.49
N GLY B 93 -9.53 13.10 -17.43
CA GLY B 93 -8.66 12.81 -16.30
C GLY B 93 -9.30 11.98 -15.19
N GLN B 94 -10.55 11.54 -15.30
CA GLN B 94 -11.10 10.59 -14.32
C GLN B 94 -10.58 9.17 -14.55
N THR B 95 -10.51 8.41 -13.47
CA THR B 95 -10.00 7.05 -13.47
C THR B 95 -10.79 6.17 -14.42
N ALA B 96 -10.07 5.54 -15.34
CA ALA B 96 -10.58 4.50 -16.20
C ALA B 96 -10.38 3.13 -15.51
N GLU B 97 -9.13 2.72 -15.32
CA GLU B 97 -8.77 1.43 -14.75
C GLU B 97 -7.98 1.60 -13.44
N TYR B 98 -8.34 0.87 -12.39
CA TYR B 98 -7.43 0.64 -11.27
C TYR B 98 -6.56 -0.58 -11.53
N GLN B 99 -5.30 -0.54 -11.11
CA GLN B 99 -4.46 -1.72 -11.00
C GLN B 99 -4.29 -2.03 -9.52
N MET B 100 -4.56 -3.28 -9.14
CA MET B 100 -4.35 -3.82 -7.81
C MET B 100 -3.13 -4.73 -7.83
N ILE B 101 -2.18 -4.46 -6.95
CA ILE B 101 -1.04 -5.34 -6.70
C ILE B 101 -1.16 -5.89 -5.29
N MET B 102 -1.07 -7.21 -5.16
CA MET B 102 -0.90 -7.87 -3.88
C MET B 102 0.53 -8.40 -3.78
N THR B 103 1.28 -7.98 -2.77
CA THR B 103 2.61 -8.53 -2.44
C THR B 103 2.49 -9.33 -1.15
N VAL B 104 2.90 -10.59 -1.18
CA VAL B 104 2.95 -11.46 0.00
C VAL B 104 4.39 -11.87 0.26
N ASN B 105 4.89 -11.63 1.46
CA ASN B 105 6.18 -12.14 1.93
C ASN B 105 5.97 -13.31 2.87
N ALA B 106 6.75 -14.36 2.71
CA ALA B 106 6.76 -15.53 3.57
C ALA B 106 8.20 -16.04 3.74
N THR B 107 8.41 -16.92 4.70
CA THR B 107 9.71 -17.56 4.88
C THR B 107 9.56 -19.04 5.22
N VAL B 108 10.46 -19.88 4.73
CA VAL B 108 10.47 -21.32 4.95
C VAL B 108 11.70 -21.72 5.77
N LEU B 109 11.46 -22.31 6.93
CA LEU B 109 12.50 -22.71 7.87
C LEU B 109 12.67 -24.23 7.81
N ILE B 110 13.90 -24.69 7.58
CA ILE B 110 14.24 -26.11 7.51
C ILE B 110 15.04 -26.50 8.77
N PRO B 111 14.70 -27.60 9.47
CA PRO B 111 15.37 -27.99 10.70
C PRO B 111 16.91 -28.04 10.59
N GLY B 112 17.60 -27.35 11.50
CA GLY B 112 19.06 -27.30 11.56
C GLY B 112 19.75 -26.57 10.40
N ARG B 113 18.98 -25.85 9.56
CA ARG B 113 19.44 -25.24 8.30
C ARG B 113 18.92 -23.82 8.14
N ASP B 114 19.43 -23.13 7.11
CA ASP B 114 19.13 -21.72 6.87
C ASP B 114 17.64 -21.48 6.55
N ILE B 115 17.22 -20.24 6.73
CA ILE B 115 15.85 -19.76 6.57
C ILE B 115 15.73 -19.12 5.19
N TYR B 116 14.81 -19.59 4.36
CA TYR B 116 14.68 -19.17 2.97
C TYR B 116 13.49 -18.22 2.76
N PRO B 117 13.72 -16.95 2.37
CA PRO B 117 12.63 -16.04 2.01
C PRO B 117 11.98 -16.45 0.69
N ILE B 118 10.66 -16.36 0.60
CA ILE B 118 9.91 -16.48 -0.66
C ILE B 118 8.77 -15.46 -0.69
N SER B 119 8.34 -15.05 -1.87
CA SER B 119 7.32 -14.03 -2.03
C SER B 119 6.45 -14.24 -3.27
N ALA B 120 5.25 -13.68 -3.25
CA ALA B 120 4.32 -13.66 -4.36
C ALA B 120 4.00 -12.22 -4.74
N LYS B 121 3.77 -11.97 -6.03
CA LYS B 121 3.35 -10.67 -6.55
C LYS B 121 2.25 -10.90 -7.58
N VAL B 122 1.03 -10.50 -7.25
CA VAL B 122 -0.18 -10.74 -8.03
C VAL B 122 -0.69 -9.42 -8.55
N PHE B 123 -0.96 -9.32 -9.85
CA PHE B 123 -1.44 -8.10 -10.52
C PHE B 123 -2.84 -8.35 -11.08
N ARG B 124 -3.79 -7.46 -10.79
CA ARG B 124 -5.16 -7.48 -11.33
C ARG B 124 -5.60 -6.06 -11.69
N SER B 125 -6.56 -5.89 -12.58
CA SER B 125 -7.12 -4.58 -12.90
C SER B 125 -8.62 -4.65 -13.16
N PHE B 126 -9.31 -3.54 -12.96
CA PHE B 126 -10.72 -3.40 -13.27
C PHE B 126 -11.06 -1.96 -13.66
N PHE B 127 -12.05 -1.79 -14.53
CA PHE B 127 -12.62 -0.48 -14.83
C PHE B 127 -13.50 0.01 -13.69
N ASP B 128 -13.36 1.27 -13.29
CA ASP B 128 -14.24 1.90 -12.31
C ASP B 128 -15.61 2.25 -12.91
N ASN B 129 -16.60 2.44 -12.05
CA ASN B 129 -17.91 2.96 -12.41
C ASN B 129 -18.45 3.75 -11.20
N PRO B 130 -18.53 5.10 -11.27
CA PRO B 130 -19.08 5.92 -10.19
C PRO B 130 -20.58 5.71 -9.96
N GLN B 131 -21.36 5.50 -11.03
CA GLN B 131 -22.63 4.79 -10.93
C GLN B 131 -22.31 3.33 -10.60
N MET B 132 -23.10 2.61 -9.81
CA MET B 132 -22.76 1.23 -9.44
C MET B 132 -21.47 1.10 -8.58
N ALA B 133 -21.13 2.10 -7.77
CA ALA B 133 -20.01 2.05 -6.83
C ALA B 133 -20.08 0.85 -5.86
N LEU B 134 -21.27 0.54 -5.34
CA LEU B 134 -21.51 -0.63 -4.50
C LEU B 134 -21.23 -1.95 -5.23
N ALA B 135 -21.52 -2.02 -6.52
CA ALA B 135 -21.22 -3.18 -7.32
C ALA B 135 -19.72 -3.32 -7.57
N LYS B 136 -19.02 -2.21 -7.80
CA LYS B 136 -17.55 -2.21 -7.95
C LYS B 136 -16.84 -2.60 -6.66
N ASP B 137 -17.38 -2.30 -5.50
CA ASP B 137 -16.78 -2.75 -4.24
C ASP B 137 -16.94 -4.26 -4.01
N ASN B 138 -18.09 -4.82 -4.36
CA ASN B 138 -18.29 -6.26 -4.40
C ASN B 138 -17.34 -6.94 -5.40
N GLU B 139 -17.14 -6.35 -6.57
CA GLU B 139 -16.15 -6.82 -7.55
C GLU B 139 -14.71 -6.73 -7.01
N GLN B 140 -14.31 -5.64 -6.39
CA GLN B 140 -13.00 -5.51 -5.73
C GLN B 140 -12.80 -6.55 -4.63
N ASP B 141 -13.79 -6.78 -3.75
CA ASP B 141 -13.72 -7.82 -2.73
C ASP B 141 -13.58 -9.22 -3.33
N MET B 142 -14.27 -9.49 -4.43
CA MET B 142 -14.16 -10.74 -5.15
C MET B 142 -12.79 -10.90 -5.83
N ILE B 143 -12.23 -9.85 -6.43
CA ILE B 143 -10.87 -9.86 -6.97
C ILE B 143 -9.84 -10.12 -5.87
N VAL B 144 -9.92 -9.44 -4.73
CA VAL B 144 -9.00 -9.66 -3.60
C VAL B 144 -9.04 -11.12 -3.12
N LYS B 145 -10.22 -11.75 -3.04
CA LYS B 145 -10.36 -13.17 -2.73
C LYS B 145 -9.63 -14.07 -3.74
N GLU B 146 -9.74 -13.78 -5.04
CA GLU B 146 -8.97 -14.48 -6.09
C GLU B 146 -7.46 -14.21 -5.98
N MET B 147 -7.04 -13.00 -5.62
CA MET B 147 -5.63 -12.66 -5.47
C MET B 147 -4.95 -13.49 -4.39
N TYR B 148 -5.62 -13.74 -3.26
CA TYR B 148 -5.08 -14.61 -2.23
C TYR B 148 -4.90 -16.05 -2.72
N ASP B 149 -5.79 -16.55 -3.59
CA ASP B 149 -5.63 -17.86 -4.21
C ASP B 149 -4.41 -17.91 -5.15
N ARG B 150 -4.19 -16.90 -6.01
CA ARG B 150 -2.99 -16.82 -6.85
C ARG B 150 -1.71 -16.62 -6.04
N ALA B 151 -1.73 -15.84 -4.97
CA ALA B 151 -0.61 -15.73 -4.06
C ALA B 151 -0.27 -17.08 -3.40
N ALA B 152 -1.27 -17.83 -2.92
CA ALA B 152 -1.05 -19.16 -2.37
C ALA B 152 -0.47 -20.13 -3.41
N GLU B 153 -0.96 -20.13 -4.66
CA GLU B 153 -0.33 -20.90 -5.73
C GLU B 153 1.13 -20.52 -5.96
N GLN B 154 1.43 -19.22 -6.07
CA GLN B 154 2.78 -18.72 -6.32
C GLN B 154 3.77 -19.13 -5.23
N LEU B 155 3.37 -19.07 -3.96
CA LEU B 155 4.20 -19.55 -2.85
C LEU B 155 4.46 -21.04 -2.96
N ILE B 156 3.45 -21.87 -3.24
CA ILE B 156 3.63 -23.33 -3.38
C ILE B 156 4.49 -23.68 -4.59
N ARG B 157 4.36 -22.99 -5.72
CA ARG B 157 5.25 -23.14 -6.88
C ARG B 157 6.70 -22.74 -6.61
N LYS B 158 6.99 -22.00 -5.54
CA LYS B 158 8.36 -21.65 -5.12
C LYS B 158 9.04 -22.68 -4.20
N LEU B 159 8.31 -23.64 -3.63
CA LEU B 159 8.90 -24.67 -2.75
C LEU B 159 9.99 -25.55 -3.40
N PRO B 160 9.89 -26.01 -4.66
CA PRO B 160 10.98 -26.75 -5.30
C PRO B 160 12.31 -26.01 -5.33
N SER B 161 12.28 -24.69 -5.49
CA SER B 161 13.50 -23.85 -5.45
C SER B 161 14.17 -23.85 -4.08
N ILE B 162 13.39 -23.98 -3.00
CA ILE B 162 13.91 -24.09 -1.63
C ILE B 162 14.61 -25.44 -1.44
N ARG B 163 14.04 -26.55 -1.91
CA ARG B 163 14.73 -27.85 -1.86
C ARG B 163 15.98 -27.88 -2.76
N ALA B 164 15.96 -27.25 -3.93
CA ALA B 164 17.16 -27.11 -4.76
C ALA B 164 18.27 -26.31 -4.05
N ALA B 165 17.93 -25.17 -3.45
CA ALA B 165 18.89 -24.35 -2.69
C ALA B 165 19.41 -25.08 -1.45
N ASP B 166 18.54 -25.79 -0.73
CA ASP B 166 18.89 -26.65 0.41
C ASP B 166 19.93 -27.71 0.00
N ILE B 167 19.66 -28.50 -1.04
CA ILE B 167 20.62 -29.50 -1.53
C ILE B 167 21.92 -28.84 -1.99
N ARG B 168 21.87 -27.79 -2.82
CA ARG B 168 23.08 -27.09 -3.29
C ARG B 168 23.88 -26.46 -2.15
N SER B 169 23.26 -26.08 -1.03
CA SER B 169 24.01 -25.58 0.14
C SER B 169 24.93 -26.65 0.75
N ASP B 170 24.55 -27.94 0.70
CA ASP B 170 25.47 -29.03 1.06
C ASP B 170 26.58 -29.24 0.03
N GLU B 171 26.28 -29.16 -1.27
CA GLU B 171 27.31 -29.23 -2.32
C GLU B 171 28.32 -28.08 -2.23
N GLU B 172 27.87 -26.86 -1.91
CA GLU B 172 28.75 -25.73 -1.59
C GLU B 172 29.57 -26.00 -0.33
#